data_4YMV
#
_entry.id   4YMV
#
_cell.length_a   96.527
_cell.length_b   115.257
_cell.length_c   301.546
_cell.angle_alpha   90.00
_cell.angle_beta   90.00
_cell.angle_gamma   90.00
#
_symmetry.space_group_name_H-M   'C 2 2 21'
#
loop_
_entity.id
_entity.type
_entity.pdbx_description
1 polymer 'ABC-type polar amino acid transport system, ATPase component'
2 polymer 'ABC-type amino acid transport system, permease component'
3 non-polymer "ADENOSINE-5'-TRIPHOSPHATE"
#
loop_
_entity_poly.entity_id
_entity_poly.type
_entity_poly.pdbx_seq_one_letter_code
_entity_poly.pdbx_strand_id
1 'polypeptide(L)'
;MIFVNDVYKNFGSLEVLKGVTLKVNKGEVVVIIGPSGSGKSTLLRCINLLEEPTKGEVFIDGVKINNGKVNINKVRQKVG
MVFQHFNLFPHLTAIENITLAPVKVKKMNKKEAEELAVDLLAKVGLLDKKDQYPIKLSGGQKQRLAIARALAMQPEVMLF
DEPTSALDPEMVKEVLNVMKQLANEGMTMVVVTHEMGFAREVGDRVIFMDDGVIVEEGTPEEIFYRAKNERTREFLSKIL
;
J,A
2 'polypeptide(L)'
;MTVDFLSMVKYTPLFISGLIMTLKLTFLAVTIGVLMGLFIALMKMSSIKPIKLVASSYIEVIRGTPLLVQLLLIYNGLMQ
FGMNIPAFTAGVSALAINSSAYVAEIIRAGIQAVDPGQNEAARSLGMTHAMAMRYVIIPQAIKNILPALGNEFIVMLKES
AIVSVIGFADLTRQADIIQSVTYRYFEPYIIIAAIYFVMTLTFSKLLSLFERRLRAGDIR
;
D,C
#
# COMPACT_ATOMS: atom_id res chain seq x y z
N MET A 1 3.34 41.49 6.95
CA MET A 1 3.33 40.29 6.04
C MET A 1 2.81 38.95 6.65
N ILE A 2 3.70 38.10 7.18
CA ILE A 2 3.23 36.89 7.87
C ILE A 2 3.01 37.07 9.37
N PHE A 3 1.89 36.61 9.88
CA PHE A 3 1.62 36.73 11.30
C PHE A 3 0.74 35.58 11.76
N VAL A 4 1.39 34.54 12.26
CA VAL A 4 0.70 33.41 12.87
C VAL A 4 0.47 33.77 14.32
N ASN A 5 -0.78 33.99 14.70
CA ASN A 5 -1.06 34.55 16.00
C ASN A 5 -1.65 33.54 16.98
N ASP A 6 -0.80 33.07 17.90
CA ASP A 6 -1.20 32.21 19.02
C ASP A 6 -2.07 31.02 18.60
N VAL A 7 -1.66 30.30 17.56
CA VAL A 7 -2.51 29.22 17.07
C VAL A 7 -2.26 27.92 17.83
N TYR A 8 -3.33 27.14 17.88
CA TYR A 8 -3.30 25.81 18.44
C TYR A 8 -3.73 24.87 17.32
N LYS A 9 -3.35 23.59 17.41
CA LYS A 9 -3.84 22.60 16.47
C LYS A 9 -3.88 21.24 17.15
N ASN A 10 -4.99 20.54 16.90
CA ASN A 10 -5.18 19.14 17.28
C ASN A 10 -5.35 18.29 16.03
N PHE A 11 -4.93 17.05 16.13
CA PHE A 11 -5.37 16.02 15.22
C PHE A 11 -6.02 14.96 16.08
N GLY A 12 -7.33 15.04 16.20
CA GLY A 12 -8.04 14.21 17.14
C GLY A 12 -7.56 14.54 18.54
N SER A 13 -7.25 13.50 19.31
CA SER A 13 -6.77 13.66 20.67
C SER A 13 -5.36 14.22 20.68
N LEU A 14 -4.69 14.19 19.53
CA LEU A 14 -3.30 14.61 19.41
C LEU A 14 -3.14 16.14 19.42
N GLU A 15 -2.53 16.69 20.47
CA GLU A 15 -2.25 18.11 20.51
C GLU A 15 -0.90 18.41 19.85
N VAL A 16 -0.88 19.06 18.70
CA VAL A 16 0.40 19.32 18.02
C VAL A 16 0.93 20.74 18.23
N LEU A 17 0.08 21.75 18.08
CA LEU A 17 0.50 23.13 18.32
C LEU A 17 -0.21 23.67 19.55
N LYS A 18 0.52 24.03 20.59
CA LYS A 18 -0.10 24.42 21.86
C LYS A 18 0.09 25.91 22.14
N GLY A 19 -0.23 26.74 21.15
CA GLY A 19 -0.18 28.19 21.26
C GLY A 19 1.14 28.73 20.77
N VAL A 20 1.17 29.11 19.50
CA VAL A 20 2.41 29.49 18.85
C VAL A 20 2.21 30.79 18.07
N THR A 21 3.12 31.75 18.27
CA THR A 21 3.09 32.97 17.49
C THR A 21 4.38 33.12 16.68
N LEU A 22 4.23 33.52 15.43
CA LEU A 22 5.34 33.68 14.50
C LEU A 22 5.06 34.86 13.55
N LYS A 23 5.88 35.90 13.63
CA LYS A 23 5.81 37.01 12.68
C LYS A 23 7.03 36.99 11.78
N VAL A 24 6.84 37.05 10.47
CA VAL A 24 8.01 37.21 9.62
C VAL A 24 7.76 38.32 8.57
N ASN A 25 8.76 39.20 8.46
CA ASN A 25 8.68 40.39 7.63
C ASN A 25 9.52 40.29 6.36
N LYS A 26 9.26 41.17 5.39
CA LYS A 26 9.90 41.03 4.08
C LYS A 26 11.42 40.93 4.16
N GLY A 27 11.99 39.88 3.59
CA GLY A 27 13.43 39.70 3.53
C GLY A 27 14.10 38.74 4.49
N GLU A 28 13.42 38.44 5.59
CA GLU A 28 13.93 37.54 6.61
C GLU A 28 14.03 36.10 6.07
N VAL A 29 15.06 35.38 6.51
CA VAL A 29 15.08 33.94 6.28
C VAL A 29 14.93 33.28 7.64
N VAL A 30 13.74 32.77 7.93
CA VAL A 30 13.51 32.23 9.26
C VAL A 30 13.52 30.71 9.29
N VAL A 31 14.46 30.13 10.03
CA VAL A 31 14.58 28.68 10.05
C VAL A 31 14.08 28.09 11.37
N ILE A 32 13.18 27.13 11.26
CA ILE A 32 12.55 26.47 12.40
C ILE A 32 13.11 25.06 12.59
N ILE A 33 13.58 24.78 13.81
CA ILE A 33 14.19 23.48 14.11
C ILE A 33 13.62 22.86 15.38
N GLY A 34 13.95 21.58 15.58
CA GLY A 34 13.44 20.89 16.75
C GLY A 34 13.30 19.40 16.51
N PRO A 35 13.05 18.66 17.59
CA PRO A 35 12.81 17.22 17.56
C PRO A 35 11.56 16.85 16.78
N SER A 36 11.44 15.56 16.49
CA SER A 36 10.29 15.04 15.79
C SER A 36 9.04 15.24 16.64
N GLY A 37 7.97 15.75 16.05
CA GLY A 37 6.75 15.95 16.80
C GLY A 37 6.65 17.26 17.56
N SER A 38 7.67 18.10 17.41
CA SER A 38 7.73 19.41 18.08
C SER A 38 6.65 20.43 17.59
N GLY A 39 6.12 20.19 16.40
CA GLY A 39 5.09 21.03 15.83
C GLY A 39 5.53 21.82 14.61
N LYS A 40 6.81 21.67 14.24
CA LYS A 40 7.42 22.43 13.16
C LYS A 40 6.63 22.54 11.85
N SER A 41 6.32 21.41 11.22
CA SER A 41 5.71 21.45 9.88
C SER A 41 4.26 21.83 9.95
N THR A 42 3.63 21.53 11.09
CA THR A 42 2.27 21.99 11.31
C THR A 42 2.22 23.52 11.41
N LEU A 43 3.20 24.14 12.06
CA LEU A 43 3.27 25.61 12.13
C LEU A 43 3.43 26.17 10.72
N LEU A 44 4.44 25.67 10.02
CA LEU A 44 4.76 26.09 8.65
C LEU A 44 3.54 25.93 7.74
N ARG A 45 2.71 24.94 8.03
CA ARG A 45 1.57 24.66 7.17
C ARG A 45 0.31 25.44 7.54
N CYS A 46 0.31 26.11 8.70
CA CYS A 46 -0.77 27.00 9.04
C CYS A 46 -0.67 28.32 8.26
N ILE A 47 0.54 28.62 7.80
CA ILE A 47 0.80 29.89 7.15
C ILE A 47 -0.07 30.09 5.90
N ASN A 48 -0.05 29.12 5.00
CA ASN A 48 -0.90 29.19 3.82
C ASN A 48 -2.17 28.33 3.99
N LEU A 49 -2.57 28.10 5.23
CA LEU A 49 -3.81 27.35 5.56
C LEU A 49 -3.87 25.91 5.02
N LEU A 50 -2.72 25.32 4.75
CA LEU A 50 -2.60 23.90 4.47
C LEU A 50 -3.03 23.09 5.69
N GLU A 51 -3.13 23.78 6.81
CA GLU A 51 -3.75 23.24 8.00
C GLU A 51 -4.60 24.36 8.53
N GLU A 52 -5.68 24.03 9.21
CA GLU A 52 -6.49 25.07 9.78
C GLU A 52 -6.34 25.01 11.28
N PRO A 53 -5.82 26.08 11.87
CA PRO A 53 -5.65 26.15 13.33
C PRO A 53 -6.92 25.76 14.09
N THR A 54 -6.75 24.92 15.09
CA THR A 54 -7.84 24.60 15.99
C THR A 54 -8.27 25.88 16.72
N LYS A 55 -7.30 26.75 16.95
CA LYS A 55 -7.58 28.09 17.48
C LYS A 55 -6.52 29.06 17.00
N GLY A 56 -6.67 30.34 17.35
CA GLY A 56 -5.76 31.36 16.86
C GLY A 56 -6.02 31.78 15.41
N GLU A 57 -5.31 32.80 14.95
CA GLU A 57 -5.56 33.34 13.62
C GLU A 57 -4.28 33.55 12.84
N VAL A 58 -4.34 33.43 11.53
CA VAL A 58 -3.17 33.76 10.72
C VAL A 58 -3.53 34.84 9.69
N PHE A 59 -2.70 35.88 9.68
CA PHE A 59 -2.82 36.98 8.77
C PHE A 59 -1.69 36.88 7.80
N ILE A 60 -1.99 37.07 6.52
CA ILE A 60 -0.88 37.32 5.61
C ILE A 60 -1.10 38.71 4.96
N ASP A 61 -0.06 39.52 5.02
CA ASP A 61 -0.08 40.90 4.58
C ASP A 61 -1.15 41.73 5.29
N GLY A 62 -1.42 41.37 6.54
CA GLY A 62 -2.28 42.18 7.38
C GLY A 62 -3.74 41.79 7.33
N VAL A 63 -4.08 40.81 6.49
CA VAL A 63 -5.47 40.37 6.40
C VAL A 63 -5.62 38.91 6.86
N LYS A 64 -6.59 38.68 7.76
CA LYS A 64 -6.89 37.35 8.28
C LYS A 64 -7.33 36.37 7.19
N ILE A 65 -6.66 35.23 7.08
CA ILE A 65 -7.01 34.30 6.01
C ILE A 65 -7.74 33.05 6.52
N ASN A 66 -7.85 32.90 7.83
CA ASN A 66 -8.58 31.77 8.34
C ASN A 66 -9.85 32.24 9.06
N ASN A 67 -10.58 33.12 8.40
CA ASN A 67 -11.90 33.52 8.89
C ASN A 67 -12.99 32.98 7.93
N GLY A 68 -12.55 32.26 6.91
CA GLY A 68 -13.46 31.67 5.94
C GLY A 68 -14.07 32.72 5.03
N LYS A 69 -13.63 33.96 5.21
CA LYS A 69 -14.10 35.08 4.40
C LYS A 69 -12.97 35.63 3.52
N VAL A 70 -12.24 34.73 2.86
CA VAL A 70 -11.11 35.13 2.01
C VAL A 70 -10.77 34.04 1.00
N ASN A 71 -10.42 34.46 -0.22
CA ASN A 71 -10.10 33.54 -1.30
C ASN A 71 -8.69 32.94 -1.13
N ILE A 72 -8.65 31.70 -0.63
CA ILE A 72 -7.38 31.11 -0.27
C ILE A 72 -6.55 30.79 -1.50
N ASN A 73 -7.20 30.77 -2.67
CA ASN A 73 -6.50 30.45 -3.92
C ASN A 73 -5.68 31.63 -4.37
N LYS A 74 -6.08 32.80 -3.88
CA LYS A 74 -5.39 34.05 -4.17
C LYS A 74 -4.33 34.31 -3.10
N VAL A 75 -4.39 33.53 -2.02
CA VAL A 75 -3.39 33.59 -0.95
C VAL A 75 -2.20 32.74 -1.30
N ARG A 76 -2.46 31.54 -1.78
CA ARG A 76 -1.37 30.65 -2.11
C ARG A 76 -0.68 31.10 -3.37
N GLN A 77 -1.23 32.11 -4.01
CA GLN A 77 -0.52 32.70 -5.13
C GLN A 77 0.68 33.49 -4.58
N LYS A 78 0.48 34.08 -3.39
CA LYS A 78 1.52 34.86 -2.74
C LYS A 78 2.50 33.99 -1.90
N VAL A 79 1.97 32.94 -1.27
CA VAL A 79 2.77 32.10 -0.37
C VAL A 79 3.12 30.77 -1.02
N GLY A 80 4.39 30.64 -1.40
CA GLY A 80 4.87 29.46 -2.11
C GLY A 80 5.17 28.33 -1.14
N MET A 81 5.17 27.10 -1.64
CA MET A 81 5.42 25.95 -0.78
C MET A 81 6.25 24.89 -1.49
N VAL A 82 7.35 24.47 -0.88
CA VAL A 82 8.18 23.40 -1.41
C VAL A 82 8.09 22.26 -0.45
N PHE A 83 7.92 21.06 -0.97
CA PHE A 83 7.54 19.95 -0.15
C PHE A 83 8.66 19.00 0.07
N GLN A 84 8.61 18.31 1.20
CA GLN A 84 9.64 17.36 1.52
C GLN A 84 9.67 16.26 0.49
N HIS A 85 8.51 15.80 0.09
CA HIS A 85 8.42 14.77 -0.89
C HIS A 85 7.82 15.45 -2.03
N PHE A 86 8.46 15.40 -3.15
CA PHE A 86 8.55 16.50 -4.08
C PHE A 86 7.23 16.98 -4.63
N ASN A 87 6.31 16.09 -4.90
CA ASN A 87 5.00 16.48 -5.33
C ASN A 87 4.96 17.03 -6.72
N LEU A 88 5.88 16.62 -7.55
CA LEU A 88 5.86 16.98 -8.93
C LEU A 88 4.75 16.27 -9.58
N PHE A 89 4.37 16.72 -10.77
CA PHE A 89 3.27 16.12 -11.50
C PHE A 89 3.81 15.15 -12.51
N PRO A 90 3.37 13.85 -12.29
CA PRO A 90 4.11 12.84 -13.05
C PRO A 90 3.95 12.89 -14.54
N HIS A 91 2.74 13.18 -14.93
CA HIS A 91 2.28 13.12 -16.31
C HIS A 91 2.70 14.32 -17.14
N LEU A 92 3.29 15.31 -16.46
CA LEU A 92 3.75 16.52 -17.12
C LEU A 92 5.28 16.58 -17.21
N THR A 93 5.75 17.24 -18.26
CA THR A 93 7.16 17.41 -18.47
C THR A 93 7.70 18.46 -17.49
N ALA A 94 9.02 18.70 -17.51
CA ALA A 94 9.60 19.64 -16.55
C ALA A 94 8.96 21.00 -16.75
N ILE A 95 9.09 21.54 -17.97
CA ILE A 95 8.50 22.82 -18.34
C ILE A 95 7.02 22.78 -18.10
N GLU A 96 6.38 21.68 -18.50
CA GLU A 96 4.94 21.56 -18.36
C GLU A 96 4.58 21.73 -16.89
N ASN A 97 5.38 21.15 -16.01
CA ASN A 97 5.18 21.32 -14.57
C ASN A 97 5.17 22.77 -14.17
N ILE A 98 6.23 23.47 -14.58
CA ILE A 98 6.46 24.87 -14.25
C ILE A 98 5.39 25.79 -14.85
N THR A 99 5.14 25.63 -16.16
CA THR A 99 4.25 26.54 -16.92
C THR A 99 2.77 26.35 -16.63
N LEU A 100 2.39 25.19 -16.10
CA LEU A 100 0.98 24.92 -15.86
C LEU A 100 0.26 26.01 -15.05
N ALA A 101 0.60 26.18 -13.78
CA ALA A 101 -0.09 27.12 -12.88
C ALA A 101 -0.12 28.57 -13.40
N PRO A 102 1.01 29.06 -13.92
CA PRO A 102 0.96 30.43 -14.42
C PRO A 102 -0.06 30.57 -15.56
N VAL A 103 -0.04 29.63 -16.49
CA VAL A 103 -0.96 29.64 -17.62
C VAL A 103 -2.42 29.55 -17.19
N LYS A 104 -2.71 28.76 -16.17
CA LYS A 104 -4.09 28.54 -15.78
C LYS A 104 -4.56 29.41 -14.61
N VAL A 105 -3.64 29.93 -13.81
CA VAL A 105 -4.07 30.77 -12.69
C VAL A 105 -3.90 32.26 -13.01
N LYS A 106 -2.76 32.61 -13.57
CA LYS A 106 -2.47 33.98 -13.97
C LYS A 106 -2.97 34.33 -15.38
N LYS A 107 -3.27 33.28 -16.16
CA LYS A 107 -3.66 33.42 -17.57
C LYS A 107 -2.54 33.98 -18.43
N MET A 108 -1.32 33.54 -18.18
CA MET A 108 -0.14 34.01 -18.91
C MET A 108 -0.09 33.57 -20.37
N ASN A 109 0.66 34.34 -21.15
CA ASN A 109 0.99 34.04 -22.54
C ASN A 109 1.95 32.85 -22.65
N LYS A 110 1.52 31.80 -23.38
CA LYS A 110 2.26 30.54 -23.49
C LYS A 110 3.71 30.69 -23.94
N LYS A 111 3.98 31.67 -24.80
CA LYS A 111 5.36 31.93 -25.23
C LYS A 111 6.12 32.57 -24.07
N GLU A 112 5.43 33.42 -23.31
CA GLU A 112 6.03 34.10 -22.17
C GLU A 112 6.36 33.10 -21.07
N ALA A 113 5.39 32.25 -20.75
CA ALA A 113 5.54 31.20 -19.75
C ALA A 113 6.67 30.24 -20.15
N GLU A 114 6.91 30.09 -21.44
CA GLU A 114 7.97 29.19 -21.88
C GLU A 114 9.32 29.78 -21.49
N GLU A 115 9.44 31.10 -21.63
CA GLU A 115 10.70 31.77 -21.32
C GLU A 115 10.88 31.90 -19.81
N LEU A 116 9.78 32.01 -19.09
CA LEU A 116 9.86 32.04 -17.64
C LEU A 116 10.42 30.68 -17.18
N ALA A 117 9.80 29.61 -17.69
CA ALA A 117 10.18 28.26 -17.35
C ALA A 117 11.62 28.01 -17.76
N VAL A 118 11.98 28.42 -18.98
CA VAL A 118 13.34 28.19 -19.47
C VAL A 118 14.37 29.02 -18.69
N ASP A 119 13.94 30.17 -18.21
CA ASP A 119 14.79 30.97 -17.35
C ASP A 119 15.05 30.23 -16.05
N LEU A 120 13.94 29.84 -15.42
CA LEU A 120 13.95 29.17 -14.14
C LEU A 120 14.68 27.82 -14.19
N LEU A 121 14.39 27.03 -15.24
CA LEU A 121 15.08 25.78 -15.47
C LEU A 121 16.58 26.01 -15.52
N ALA A 122 16.95 27.07 -16.23
CA ALA A 122 18.34 27.43 -16.35
C ALA A 122 18.90 27.90 -15.01
N LYS A 123 18.06 28.64 -14.29
CA LYS A 123 18.47 29.19 -13.01
C LYS A 123 18.87 28.09 -12.06
N VAL A 124 18.02 27.07 -11.96
CA VAL A 124 18.25 25.94 -11.05
C VAL A 124 19.01 24.81 -11.73
N GLY A 125 19.58 25.08 -12.89
CA GLY A 125 20.39 24.10 -13.60
C GLY A 125 19.68 22.82 -13.99
N LEU A 126 18.55 22.95 -14.67
CA LEU A 126 17.79 21.80 -15.14
C LEU A 126 17.41 21.99 -16.60
N LEU A 127 18.14 22.89 -17.28
CA LEU A 127 17.83 23.27 -18.64
C LEU A 127 17.81 22.08 -19.61
N ASP A 128 18.82 21.24 -19.51
CA ASP A 128 18.93 20.08 -20.38
C ASP A 128 17.81 19.08 -20.11
N LYS A 129 17.02 19.35 -19.08
CA LYS A 129 16.01 18.40 -18.64
C LYS A 129 14.58 18.89 -18.85
N LYS A 130 14.41 19.98 -19.61
CA LYS A 130 13.10 20.65 -19.66
C LYS A 130 11.98 19.72 -20.11
N ASP A 131 12.26 18.85 -21.06
CA ASP A 131 11.22 17.97 -21.61
C ASP A 131 11.28 16.55 -21.09
N GLN A 132 12.02 16.36 -20.02
CA GLN A 132 11.98 15.10 -19.31
C GLN A 132 10.77 15.08 -18.38
N TYR A 133 10.31 13.88 -18.03
CA TYR A 133 9.17 13.77 -17.17
C TYR A 133 9.68 13.64 -15.76
N PRO A 134 8.78 13.97 -14.74
CA PRO A 134 9.37 13.96 -13.40
C PRO A 134 9.77 12.57 -12.97
N ILE A 135 10.43 11.83 -13.84
CA ILE A 135 10.78 10.47 -13.50
C ILE A 135 12.21 10.19 -13.82
N LYS A 136 12.67 10.59 -14.99
CA LYS A 136 14.05 10.43 -15.34
C LYS A 136 14.86 11.42 -14.55
N LEU A 137 14.32 11.87 -13.43
CA LEU A 137 14.99 12.88 -12.67
C LEU A 137 15.48 12.28 -11.38
N SER A 138 16.68 12.67 -10.99
CA SER A 138 17.18 12.28 -9.67
C SER A 138 16.41 13.07 -8.62
N GLY A 139 16.41 12.57 -7.39
CA GLY A 139 15.71 13.23 -6.31
C GLY A 139 16.14 14.67 -6.10
N GLY A 140 17.42 14.93 -6.34
CA GLY A 140 17.97 16.27 -6.26
C GLY A 140 17.49 17.11 -7.44
N GLN A 141 17.46 16.53 -8.62
CA GLN A 141 16.91 17.19 -9.79
C GLN A 141 15.45 17.52 -9.55
N LYS A 142 14.75 16.59 -8.91
CA LYS A 142 13.32 16.71 -8.67
C LYS A 142 13.03 17.96 -7.84
N GLN A 143 13.75 18.10 -6.74
CA GLN A 143 13.47 19.18 -5.83
C GLN A 143 13.85 20.53 -6.46
N ARG A 144 14.87 20.55 -7.30
CA ARG A 144 15.24 21.82 -7.94
C ARG A 144 14.15 22.22 -8.94
N LEU A 145 13.59 21.24 -9.62
CA LEU A 145 12.51 21.44 -10.57
C LEU A 145 11.25 21.93 -9.84
N ALA A 146 10.95 21.29 -8.72
CA ALA A 146 9.86 21.72 -7.86
C ALA A 146 10.05 23.17 -7.48
N ILE A 147 11.29 23.53 -7.14
CA ILE A 147 11.59 24.89 -6.74
C ILE A 147 11.37 25.89 -7.90
N ALA A 148 11.80 25.51 -9.11
CA ALA A 148 11.59 26.35 -10.28
C ALA A 148 10.10 26.55 -10.45
N ARG A 149 9.37 25.46 -10.31
CA ARG A 149 7.93 25.49 -10.50
C ARG A 149 7.26 26.47 -9.54
N ALA A 150 7.69 26.49 -8.29
CA ALA A 150 7.04 27.35 -7.31
C ALA A 150 7.32 28.81 -7.64
N LEU A 151 8.58 29.06 -7.99
CA LEU A 151 9.11 30.38 -8.34
C LEU A 151 8.38 30.99 -9.53
N ALA A 152 7.99 30.14 -10.48
CA ALA A 152 7.37 30.62 -11.70
C ALA A 152 6.06 31.36 -11.42
N MET A 153 5.50 31.19 -10.23
CA MET A 153 4.32 31.95 -9.83
C MET A 153 4.72 33.17 -9.00
N GLN A 154 6.03 33.38 -8.91
CA GLN A 154 6.61 34.52 -8.23
C GLN A 154 5.93 34.90 -6.92
N PRO A 155 6.03 34.03 -5.91
CA PRO A 155 5.50 34.36 -4.58
C PRO A 155 6.35 35.42 -3.86
N GLU A 156 5.77 36.00 -2.81
CA GLU A 156 6.49 36.98 -2.03
C GLU A 156 7.16 36.30 -0.83
N VAL A 157 6.75 35.08 -0.53
CA VAL A 157 7.38 34.29 0.51
C VAL A 157 7.37 32.84 0.07
N MET A 158 8.41 32.09 0.44
CA MET A 158 8.49 30.68 0.10
C MET A 158 8.53 29.85 1.38
N LEU A 159 7.61 28.89 1.47
CA LEU A 159 7.63 27.96 2.60
C LEU A 159 8.40 26.71 2.21
N PHE A 160 9.35 26.31 3.03
CA PHE A 160 10.13 25.12 2.76
C PHE A 160 9.91 24.14 3.87
N ASP A 161 9.15 23.08 3.56
CA ASP A 161 8.85 22.08 4.56
C ASP A 161 9.79 20.87 4.40
N GLU A 162 11.04 21.04 4.87
CA GLU A 162 12.05 19.97 4.84
C GLU A 162 12.36 19.46 3.47
N PRO A 163 12.87 20.36 2.63
CA PRO A 163 13.10 20.15 1.20
C PRO A 163 14.21 19.18 0.97
N THR A 164 14.98 18.87 2.00
CA THR A 164 16.17 18.03 1.83
C THR A 164 16.09 16.64 2.46
N SER A 165 15.17 16.44 3.40
CA SER A 165 15.14 15.23 4.22
C SER A 165 14.77 13.94 3.49
N ALA A 166 14.22 14.00 2.30
CA ALA A 166 13.98 12.74 1.61
C ALA A 166 15.00 12.57 0.47
N LEU A 167 16.19 13.10 0.71
CA LEU A 167 17.25 13.07 -0.31
C LEU A 167 18.47 12.29 0.13
N ASP A 168 18.98 11.44 -0.75
CA ASP A 168 20.27 10.82 -0.53
C ASP A 168 21.29 11.92 -0.24
N PRO A 169 22.25 11.66 0.65
CA PRO A 169 23.18 12.68 1.13
C PRO A 169 23.97 13.36 0.01
N GLU A 170 24.27 12.60 -1.07
CA GLU A 170 25.01 13.15 -2.21
C GLU A 170 24.19 14.12 -2.98
N MET A 171 22.94 14.29 -2.56
CA MET A 171 21.97 15.09 -3.30
C MET A 171 21.54 16.34 -2.53
N VAL A 172 21.97 16.46 -1.27
CA VAL A 172 21.52 17.54 -0.40
C VAL A 172 22.17 18.92 -0.68
N LYS A 173 23.47 18.94 -0.99
CA LYS A 173 24.18 20.19 -1.30
C LYS A 173 23.48 21.03 -2.36
N GLU A 174 23.24 20.44 -3.53
CA GLU A 174 22.71 21.16 -4.68
C GLU A 174 21.37 21.85 -4.40
N VAL A 175 20.49 21.17 -3.68
CA VAL A 175 19.19 21.76 -3.35
C VAL A 175 19.37 22.86 -2.30
N LEU A 176 20.25 22.64 -1.33
CA LEU A 176 20.47 23.63 -0.30
C LEU A 176 21.07 24.90 -0.90
N ASN A 177 21.86 24.73 -1.95
CA ASN A 177 22.49 25.84 -2.65
C ASN A 177 21.49 26.74 -3.32
N VAL A 178 20.55 26.13 -4.04
CA VAL A 178 19.49 26.88 -4.65
C VAL A 178 18.82 27.71 -3.56
N MET A 179 18.55 27.07 -2.43
CA MET A 179 17.90 27.76 -1.32
C MET A 179 18.71 28.94 -0.83
N LYS A 180 20.02 28.77 -0.73
CA LYS A 180 20.93 29.84 -0.31
C LYS A 180 20.89 30.99 -1.30
N GLN A 181 21.03 30.63 -2.58
CA GLN A 181 20.94 31.61 -3.65
C GLN A 181 19.68 32.49 -3.55
N LEU A 182 18.51 31.87 -3.40
CA LEU A 182 17.28 32.62 -3.20
C LEU A 182 17.34 33.56 -2.01
N ALA A 183 17.86 33.08 -0.89
CA ALA A 183 17.97 33.92 0.29
C ALA A 183 18.85 35.12 -0.02
N ASN A 184 19.99 34.85 -0.67
CA ASN A 184 20.93 35.88 -1.10
C ASN A 184 20.35 36.91 -2.02
N GLU A 185 19.33 36.51 -2.78
CA GLU A 185 18.68 37.42 -3.70
C GLU A 185 17.57 38.17 -2.99
N GLY A 186 17.42 37.89 -1.71
CA GLY A 186 16.47 38.62 -0.89
C GLY A 186 15.09 38.00 -0.71
N MET A 187 14.87 36.78 -1.22
CA MET A 187 13.57 36.12 -1.02
C MET A 187 13.19 35.94 0.44
N THR A 188 11.95 36.22 0.79
CA THR A 188 11.47 35.91 2.13
C THR A 188 11.19 34.40 2.28
N MET A 189 11.85 33.79 3.28
CA MET A 189 11.82 32.34 3.44
C MET A 189 11.50 31.91 4.86
N VAL A 190 10.56 30.98 5.01
CA VAL A 190 10.42 30.29 6.28
C VAL A 190 10.82 28.85 6.02
N VAL A 191 11.78 28.33 6.74
CA VAL A 191 12.28 27.01 6.42
C VAL A 191 12.33 26.13 7.65
N VAL A 192 11.68 24.99 7.51
CA VAL A 192 11.74 23.88 8.47
C VAL A 192 12.77 22.87 7.98
N THR A 193 13.84 22.67 8.77
CA THR A 193 14.91 21.78 8.32
C THR A 193 15.72 21.07 9.44
N HIS A 194 16.37 19.98 9.04
CA HIS A 194 17.33 19.27 9.89
C HIS A 194 18.77 19.69 9.60
N GLU A 195 18.98 20.49 8.55
CA GLU A 195 20.32 20.87 8.11
C GLU A 195 20.82 22.16 8.79
N MET A 196 21.49 22.03 9.94
CA MET A 196 21.86 23.22 10.71
C MET A 196 22.92 24.08 10.01
N GLY A 197 23.56 23.52 8.98
CA GLY A 197 24.51 24.32 8.24
C GLY A 197 23.82 25.50 7.59
N PHE A 198 22.68 25.21 6.97
CA PHE A 198 21.85 26.20 6.30
C PHE A 198 21.39 27.26 7.29
N ALA A 199 20.90 26.83 8.45
CA ALA A 199 20.48 27.78 9.47
C ALA A 199 21.63 28.73 9.79
N ARG A 200 22.83 28.17 10.07
CA ARG A 200 24.07 28.94 10.33
C ARG A 200 24.39 29.88 9.21
N GLU A 201 24.47 29.35 8.00
CA GLU A 201 25.00 30.11 6.87
C GLU A 201 24.02 31.14 6.29
N VAL A 202 22.72 30.87 6.33
CA VAL A 202 21.81 31.80 5.68
C VAL A 202 20.64 32.22 6.55
N GLY A 203 20.55 31.65 7.75
CA GLY A 203 19.42 31.97 8.58
C GLY A 203 19.54 33.37 9.12
N ASP A 204 18.44 34.10 9.18
CA ASP A 204 18.48 35.40 9.82
C ASP A 204 18.00 35.21 11.24
N ARG A 205 17.09 34.27 11.41
CA ARG A 205 16.43 34.10 12.68
C ARG A 205 16.26 32.60 12.82
N VAL A 206 16.46 32.06 14.03
CA VAL A 206 16.27 30.63 14.22
C VAL A 206 15.31 30.33 15.38
N ILE A 207 14.28 29.55 15.08
CA ILE A 207 13.26 29.22 16.05
C ILE A 207 13.44 27.76 16.48
N PHE A 208 13.62 27.53 17.78
CA PHE A 208 13.68 26.17 18.30
C PHE A 208 12.35 25.77 18.94
N MET A 209 11.70 24.76 18.35
CA MET A 209 10.42 24.28 18.83
C MET A 209 10.55 22.94 19.51
N ASP A 210 9.75 22.76 20.55
CA ASP A 210 9.71 21.52 21.30
C ASP A 210 8.36 21.34 21.98
N ASP A 211 7.74 20.18 21.75
CA ASP A 211 6.45 19.86 22.35
C ASP A 211 5.35 20.91 22.03
N GLY A 212 5.20 21.25 20.75
CA GLY A 212 4.12 22.09 20.29
C GLY A 212 4.29 23.55 20.66
N VAL A 213 5.53 23.93 20.95
CA VAL A 213 5.80 25.28 21.43
C VAL A 213 7.14 25.82 20.93
N ILE A 214 7.23 27.15 20.81
CA ILE A 214 8.54 27.81 20.65
C ILE A 214 9.15 28.00 22.03
N VAL A 215 10.23 27.26 22.32
CA VAL A 215 10.78 27.29 23.68
C VAL A 215 11.85 28.35 23.71
N GLU A 216 12.46 28.60 22.57
CA GLU A 216 13.51 29.62 22.47
C GLU A 216 13.75 29.99 21.01
N GLU A 217 14.21 31.22 20.78
CA GLU A 217 14.48 31.68 19.41
C GLU A 217 15.38 32.87 19.50
N GLY A 218 16.17 33.10 18.46
CA GLY A 218 17.14 34.18 18.43
C GLY A 218 17.87 34.06 17.12
N THR A 219 19.05 34.68 16.99
CA THR A 219 19.81 34.58 15.74
C THR A 219 20.53 33.24 15.64
N PRO A 220 21.05 32.91 14.44
CA PRO A 220 21.81 31.68 14.24
C PRO A 220 22.86 31.48 15.34
N GLU A 221 23.65 32.52 15.61
CA GLU A 221 24.77 32.41 16.55
C GLU A 221 24.30 32.43 18.00
N GLU A 222 23.28 33.23 18.29
CA GLU A 222 22.67 33.19 19.62
C GLU A 222 22.21 31.76 19.91
N ILE A 223 21.41 31.20 19.01
CA ILE A 223 20.88 29.84 19.18
C ILE A 223 21.96 28.77 19.11
N PHE A 224 22.92 28.88 18.18
CA PHE A 224 23.91 27.80 18.01
C PHE A 224 25.15 27.88 18.93
N TYR A 225 25.39 29.05 19.54
CA TYR A 225 26.62 29.26 20.30
C TYR A 225 26.39 29.78 21.70
N ARG A 226 25.19 30.33 21.94
CA ARG A 226 24.94 30.98 23.22
C ARG A 226 23.52 30.66 23.71
N ALA A 227 23.00 29.49 23.35
CA ALA A 227 21.62 29.14 23.71
C ALA A 227 21.36 29.17 25.21
N LYS A 228 20.29 29.87 25.58
CA LYS A 228 19.95 30.10 26.96
C LYS A 228 19.14 28.95 27.53
N ASN A 229 18.28 28.35 26.74
CA ASN A 229 17.38 27.35 27.31
C ASN A 229 18.00 25.96 27.38
N GLU A 230 17.69 25.26 28.46
CA GLU A 230 18.21 23.93 28.70
C GLU A 230 17.74 22.95 27.63
N ARG A 231 16.47 23.05 27.26
CA ARG A 231 15.94 22.15 26.26
C ARG A 231 16.60 22.46 24.90
N THR A 232 16.93 23.72 24.68
CA THR A 232 17.66 24.10 23.48
C THR A 232 19.04 23.44 23.40
N ARG A 233 19.80 23.51 24.49
CA ARG A 233 21.14 22.91 24.54
C ARG A 233 21.08 21.37 24.41
N GLU A 234 20.14 20.75 25.11
CA GLU A 234 20.00 19.30 25.08
C GLU A 234 19.76 18.78 23.67
N PHE A 235 18.83 19.43 22.97
CA PHE A 235 18.53 19.06 21.59
C PHE A 235 19.79 19.21 20.72
N LEU A 236 20.43 20.37 20.84
CA LEU A 236 21.60 20.71 20.04
C LEU A 236 22.78 19.73 20.25
N SER A 237 22.98 19.25 21.48
CA SER A 237 24.05 18.32 21.74
C SER A 237 23.89 17.00 20.97
N LYS A 238 22.64 16.56 20.81
CA LYS A 238 22.34 15.31 20.15
C LYS A 238 22.55 15.33 18.64
N ILE A 239 22.51 16.52 18.08
CA ILE A 239 22.42 16.71 16.65
C ILE A 239 23.75 17.19 16.07
N LEU A 240 24.45 18.01 16.87
CA LEU A 240 25.68 18.64 16.44
C LEU A 240 26.90 17.76 16.69
N MET B 1 38.68 -14.73 7.97
CA MET B 1 37.27 -14.85 8.41
C MET B 1 36.25 -14.73 7.28
N ILE B 2 35.87 -13.49 6.98
CA ILE B 2 34.98 -13.23 5.86
C ILE B 2 35.82 -13.02 4.60
N PHE B 3 35.37 -13.63 3.52
CA PHE B 3 36.03 -13.50 2.23
C PHE B 3 35.03 -13.53 1.09
N VAL B 4 34.61 -12.35 0.65
CA VAL B 4 33.77 -12.25 -0.53
C VAL B 4 34.65 -12.17 -1.77
N ASN B 5 34.61 -13.22 -2.59
CA ASN B 5 35.55 -13.34 -3.70
C ASN B 5 34.92 -13.06 -5.07
N ASP B 6 35.20 -11.86 -5.59
CA ASP B 6 34.80 -11.40 -6.93
C ASP B 6 33.34 -11.66 -7.31
N VAL B 7 32.40 -11.33 -6.43
CA VAL B 7 31.01 -11.66 -6.76
C VAL B 7 30.39 -10.62 -7.67
N TYR B 8 29.43 -11.09 -8.46
CA TYR B 8 28.62 -10.23 -9.30
C TYR B 8 27.18 -10.41 -8.83
N LYS B 9 26.30 -9.49 -9.16
CA LYS B 9 24.89 -9.70 -8.88
C LYS B 9 24.00 -8.96 -9.86
N ASN B 10 22.97 -9.66 -10.35
CA ASN B 10 21.91 -9.07 -11.14
C ASN B 10 20.58 -9.17 -10.45
N PHE B 11 19.73 -8.19 -10.69
CA PHE B 11 18.32 -8.34 -10.45
C PHE B 11 17.63 -8.05 -11.79
N GLY B 12 17.39 -9.10 -12.57
CA GLY B 12 16.95 -8.90 -13.94
C GLY B 12 18.00 -8.15 -14.73
N SER B 13 17.58 -7.14 -15.49
CA SER B 13 18.51 -6.38 -16.30
C SER B 13 19.46 -5.56 -15.43
N LEU B 14 19.10 -5.39 -14.16
CA LEU B 14 19.86 -4.53 -13.26
C LEU B 14 21.13 -5.18 -12.77
N GLU B 15 22.27 -4.68 -13.23
CA GLU B 15 23.54 -5.11 -12.67
C GLU B 15 23.89 -4.23 -11.48
N VAL B 16 23.90 -4.83 -10.29
CA VAL B 16 24.15 -4.11 -9.05
C VAL B 16 25.60 -4.29 -8.57
N LEU B 17 26.08 -5.53 -8.51
CA LEU B 17 27.47 -5.81 -8.13
C LEU B 17 28.24 -6.33 -9.33
N LYS B 18 29.29 -5.61 -9.72
CA LYS B 18 29.98 -5.91 -10.97
C LYS B 18 31.38 -6.44 -10.74
N GLY B 19 31.50 -7.39 -9.83
CA GLY B 19 32.79 -7.98 -9.51
C GLY B 19 33.38 -7.28 -8.32
N VAL B 20 33.16 -7.85 -7.14
CA VAL B 20 33.57 -7.23 -5.89
C VAL B 20 34.29 -8.21 -4.94
N THR B 21 35.45 -7.81 -4.43
CA THR B 21 36.18 -8.63 -3.45
C THR B 21 36.30 -7.93 -2.10
N LEU B 22 36.07 -8.68 -1.03
CA LEU B 22 36.10 -8.12 0.31
C LEU B 22 36.57 -9.15 1.32
N LYS B 23 37.73 -8.93 1.92
CA LYS B 23 38.23 -9.77 3.00
C LYS B 23 38.18 -8.97 4.29
N VAL B 24 37.57 -9.53 5.33
CA VAL B 24 37.62 -8.88 6.63
C VAL B 24 38.03 -9.89 7.69
N ASN B 25 39.00 -9.51 8.52
CA ASN B 25 39.54 -10.41 9.53
C ASN B 25 39.03 -10.04 10.92
N LYS B 26 39.12 -10.98 11.85
CA LYS B 26 38.55 -10.83 13.20
C LYS B 26 39.02 -9.53 13.87
N GLY B 27 38.08 -8.75 14.40
CA GLY B 27 38.43 -7.57 15.16
C GLY B 27 38.28 -6.27 14.36
N GLU B 28 38.31 -6.39 13.03
CA GLU B 28 38.15 -5.23 12.16
C GLU B 28 36.76 -4.60 12.26
N VAL B 29 36.74 -3.28 12.21
CA VAL B 29 35.52 -2.53 11.98
C VAL B 29 35.66 -1.87 10.62
N VAL B 30 35.02 -2.46 9.62
CA VAL B 30 35.11 -2.01 8.22
C VAL B 30 33.85 -1.29 7.78
N VAL B 31 34.00 -0.04 7.36
CA VAL B 31 32.86 0.78 6.98
C VAL B 31 32.75 1.00 5.47
N ILE B 32 31.59 0.69 4.92
CA ILE B 32 31.33 0.81 3.48
C ILE B 32 30.48 2.06 3.19
N ILE B 33 31.00 2.93 2.33
CA ILE B 33 30.33 4.16 2.02
C ILE B 33 30.21 4.37 0.50
N GLY B 34 29.35 5.29 0.09
CA GLY B 34 29.19 5.54 -1.34
C GLY B 34 27.82 6.07 -1.72
N PRO B 35 27.68 6.56 -2.97
CA PRO B 35 26.40 7.10 -3.44
C PRO B 35 25.35 5.99 -3.49
N SER B 36 24.08 6.39 -3.59
CA SER B 36 23.00 5.43 -3.63
C SER B 36 23.07 4.64 -4.94
N GLY B 37 22.85 3.34 -4.86
CA GLY B 37 22.92 2.48 -6.03
C GLY B 37 24.32 1.96 -6.29
N SER B 38 25.25 2.32 -5.40
CA SER B 38 26.63 1.90 -5.59
C SER B 38 26.77 0.40 -5.43
N GLY B 39 25.86 -0.21 -4.66
CA GLY B 39 25.90 -1.64 -4.41
C GLY B 39 26.20 -2.01 -2.98
N LYS B 40 26.38 -1.00 -2.13
CA LYS B 40 26.76 -1.11 -0.72
C LYS B 40 25.99 -2.17 0.04
N SER B 41 24.67 -2.06 0.06
CA SER B 41 23.86 -2.93 0.90
C SER B 41 23.71 -4.33 0.29
N THR B 42 23.78 -4.44 -1.03
CA THR B 42 23.78 -5.76 -1.65
C THR B 42 25.07 -6.56 -1.34
N LEU B 43 26.21 -5.88 -1.35
CA LEU B 43 27.48 -6.50 -0.98
C LEU B 43 27.38 -6.97 0.46
N LEU B 44 26.98 -6.04 1.32
CA LEU B 44 26.83 -6.30 2.74
C LEU B 44 25.94 -7.52 2.96
N ARG B 45 24.97 -7.72 2.07
CA ARG B 45 23.99 -8.79 2.24
C ARG B 45 24.42 -10.12 1.63
N CYS B 46 25.46 -10.13 0.81
CA CYS B 46 25.96 -11.42 0.30
C CYS B 46 26.70 -12.17 1.39
N ILE B 47 27.17 -11.43 2.39
CA ILE B 47 28.03 -12.00 3.43
C ILE B 47 27.31 -13.14 4.17
N ASN B 48 26.09 -12.90 4.66
CA ASN B 48 25.34 -13.96 5.32
C ASN B 48 24.32 -14.59 4.39
N LEU B 49 24.58 -14.46 3.09
CA LEU B 49 23.72 -15.06 2.06
C LEU B 49 22.25 -14.58 2.01
N LEU B 50 21.94 -13.41 2.56
CA LEU B 50 20.64 -12.78 2.34
C LEU B 50 20.47 -12.42 0.87
N GLU B 51 21.55 -12.50 0.11
CA GLU B 51 21.45 -12.42 -1.34
C GLU B 51 22.32 -13.51 -1.96
N GLU B 52 21.94 -13.96 -3.15
CA GLU B 52 22.76 -14.95 -3.84
C GLU B 52 23.45 -14.35 -5.03
N PRO B 53 24.78 -14.33 -4.97
CA PRO B 53 25.61 -13.84 -6.06
C PRO B 53 25.28 -14.53 -7.37
N THR B 54 25.06 -13.75 -8.43
CA THR B 54 24.91 -14.29 -9.77
C THR B 54 26.17 -15.08 -10.15
N LYS B 55 27.32 -14.64 -9.63
CA LYS B 55 28.60 -15.32 -9.79
C LYS B 55 29.49 -15.05 -8.58
N GLY B 56 30.71 -15.60 -8.60
CA GLY B 56 31.65 -15.41 -7.50
C GLY B 56 31.35 -16.23 -6.26
N GLU B 57 32.23 -16.20 -5.27
CA GLU B 57 32.05 -17.03 -4.09
C GLU B 57 32.27 -16.26 -2.81
N VAL B 58 31.60 -16.68 -1.74
CA VAL B 58 31.87 -16.10 -0.42
C VAL B 58 32.26 -17.20 0.58
N PHE B 59 33.43 -17.04 1.19
CA PHE B 59 33.90 -17.96 2.22
C PHE B 59 33.89 -17.28 3.56
N ILE B 60 33.28 -17.91 4.55
CA ILE B 60 33.45 -17.43 5.90
C ILE B 60 34.08 -18.52 6.77
N ASP B 61 35.15 -18.15 7.46
CA ASP B 61 35.97 -19.11 8.20
C ASP B 61 36.55 -20.18 7.30
N GLY B 62 36.81 -19.83 6.05
CA GLY B 62 37.49 -20.72 5.14
C GLY B 62 36.54 -21.62 4.36
N VAL B 63 35.25 -21.56 4.65
CA VAL B 63 34.33 -22.43 3.95
C VAL B 63 33.31 -21.69 3.07
N LYS B 64 33.28 -22.07 1.79
CA LYS B 64 32.32 -21.52 0.82
C LYS B 64 30.90 -21.85 1.26
N ILE B 65 30.07 -20.82 1.38
CA ILE B 65 28.71 -21.01 1.88
C ILE B 65 27.66 -20.86 0.79
N ASN B 66 28.10 -20.54 -0.42
CA ASN B 66 27.17 -20.48 -1.55
C ASN B 66 27.47 -21.55 -2.62
N ASN B 67 27.67 -22.79 -2.16
CA ASN B 67 27.79 -23.93 -3.06
C ASN B 67 26.59 -24.84 -2.88
N GLY B 68 25.71 -24.49 -1.96
CA GLY B 68 24.51 -25.28 -1.72
C GLY B 68 24.78 -26.59 -1.01
N LYS B 69 26.02 -26.80 -0.59
CA LYS B 69 26.41 -27.99 0.16
C LYS B 69 26.83 -27.64 1.59
N VAL B 70 26.01 -26.80 2.25
CA VAL B 70 26.28 -26.33 3.61
C VAL B 70 25.03 -25.79 4.30
N ASN B 71 24.92 -26.04 5.61
CA ASN B 71 23.74 -25.63 6.38
C ASN B 71 23.75 -24.13 6.67
N ILE B 72 22.93 -23.38 5.94
CA ILE B 72 22.95 -21.92 5.96
C ILE B 72 22.46 -21.27 7.26
N ASN B 73 21.74 -22.03 8.07
CA ASN B 73 21.23 -21.51 9.33
C ASN B 73 22.30 -21.50 10.38
N LYS B 74 23.11 -22.54 10.39
CA LYS B 74 24.25 -22.64 11.28
C LYS B 74 25.34 -21.64 10.84
N VAL B 75 25.17 -21.04 9.66
CA VAL B 75 26.07 -19.98 9.18
C VAL B 75 25.66 -18.65 9.80
N ARG B 76 24.36 -18.37 9.73
CA ARG B 76 23.80 -17.14 10.26
C ARG B 76 23.73 -17.19 11.78
N GLN B 77 24.10 -18.31 12.38
CA GLN B 77 24.16 -18.36 13.84
C GLN B 77 25.37 -17.53 14.28
N LYS B 78 26.41 -17.57 13.46
CA LYS B 78 27.66 -16.83 13.69
C LYS B 78 27.61 -15.39 13.16
N VAL B 79 26.86 -15.18 12.07
CA VAL B 79 26.83 -13.87 11.41
C VAL B 79 25.56 -13.08 11.69
N GLY B 80 25.72 -12.03 12.50
CA GLY B 80 24.61 -11.15 12.86
C GLY B 80 24.30 -10.06 11.84
N MET B 81 23.06 -9.59 11.86
CA MET B 81 22.64 -8.58 10.91
C MET B 81 21.68 -7.55 11.50
N VAL B 82 22.08 -6.28 11.50
CA VAL B 82 21.17 -5.25 11.96
C VAL B 82 20.56 -4.47 10.77
N PHE B 83 19.27 -4.19 10.84
CA PHE B 83 18.50 -3.75 9.69
C PHE B 83 18.16 -2.29 9.69
N GLN B 84 18.13 -1.71 8.51
CA GLN B 84 17.96 -0.30 8.39
C GLN B 84 16.65 0.02 8.99
N HIS B 85 15.70 -0.83 8.70
CA HIS B 85 14.39 -0.73 9.28
C HIS B 85 14.47 -1.83 10.22
N PHE B 86 13.92 -1.62 11.37
CA PHE B 86 14.32 -2.39 12.53
C PHE B 86 13.98 -3.85 12.38
N ASN B 87 12.83 -4.13 11.79
CA ASN B 87 12.40 -5.48 11.57
C ASN B 87 12.23 -6.26 12.83
N LEU B 88 11.72 -5.59 13.84
CA LEU B 88 11.40 -6.26 15.07
C LEU B 88 10.14 -7.04 14.95
N PHE B 89 10.00 -7.99 15.85
CA PHE B 89 8.82 -8.83 15.90
C PHE B 89 7.76 -8.13 16.76
N PRO B 90 6.67 -7.64 16.13
CA PRO B 90 5.72 -6.72 16.78
C PRO B 90 4.83 -7.41 17.79
N HIS B 91 4.52 -8.68 17.56
CA HIS B 91 3.62 -9.40 18.46
C HIS B 91 4.29 -9.88 19.74
N LEU B 92 5.62 -9.76 19.78
CA LEU B 92 6.42 -10.19 20.93
C LEU B 92 6.92 -8.98 21.70
N THR B 93 7.08 -9.15 23.00
CA THR B 93 7.57 -8.10 23.88
C THR B 93 9.12 -7.94 23.75
N ALA B 94 9.69 -6.99 24.49
CA ALA B 94 11.14 -6.70 24.38
C ALA B 94 12.01 -7.92 24.64
N ILE B 95 11.84 -8.54 25.81
CA ILE B 95 12.53 -9.78 26.17
C ILE B 95 12.26 -10.88 25.17
N GLU B 96 10.99 -11.03 24.82
CA GLU B 96 10.53 -12.08 23.92
C GLU B 96 11.21 -12.04 22.55
N ASN B 97 11.44 -10.83 22.04
CA ASN B 97 12.21 -10.63 20.82
C ASN B 97 13.61 -11.23 20.89
N ILE B 98 14.32 -10.90 21.97
CA ILE B 98 15.69 -11.33 22.20
C ILE B 98 15.83 -12.84 22.38
N THR B 99 14.98 -13.40 23.25
CA THR B 99 15.08 -14.80 23.66
C THR B 99 14.60 -15.82 22.62
N LEU B 100 13.78 -15.37 21.68
CA LEU B 100 13.20 -16.29 20.71
C LEU B 100 14.25 -17.15 20.02
N ALA B 101 15.16 -16.55 19.26
CA ALA B 101 16.12 -17.35 18.48
C ALA B 101 16.95 -18.33 19.35
N PRO B 102 17.48 -17.85 20.51
CA PRO B 102 18.31 -18.71 21.36
C PRO B 102 17.58 -19.92 21.89
N VAL B 103 16.38 -19.70 22.42
CA VAL B 103 15.54 -20.78 22.93
C VAL B 103 15.15 -21.76 21.84
N LYS B 104 14.86 -21.27 20.64
CA LYS B 104 14.36 -22.14 19.60
C LYS B 104 15.46 -22.61 18.63
N VAL B 105 16.57 -21.90 18.53
CA VAL B 105 17.63 -22.32 17.62
C VAL B 105 18.74 -23.04 18.38
N LYS B 106 19.17 -22.45 19.48
CA LYS B 106 20.23 -23.02 20.32
C LYS B 106 19.65 -24.01 21.34
N LYS B 107 18.34 -23.96 21.50
CA LYS B 107 17.63 -24.77 22.49
C LYS B 107 18.09 -24.39 23.89
N MET B 108 18.28 -23.11 24.11
CA MET B 108 18.71 -22.64 25.41
C MET B 108 17.64 -22.84 26.47
N ASN B 109 18.10 -22.93 27.70
CA ASN B 109 17.24 -22.99 28.87
C ASN B 109 16.51 -21.66 29.04
N LYS B 110 15.19 -21.71 29.14
CA LYS B 110 14.38 -20.49 29.24
C LYS B 110 14.82 -19.57 30.40
N LYS B 111 15.24 -20.16 31.52
CA LYS B 111 15.69 -19.34 32.64
C LYS B 111 17.03 -18.66 32.33
N GLU B 112 17.91 -19.41 31.66
CA GLU B 112 19.21 -18.90 31.25
C GLU B 112 19.04 -17.82 30.19
N ALA B 113 18.20 -18.09 29.20
CA ALA B 113 17.91 -17.12 28.15
C ALA B 113 17.22 -15.86 28.71
N GLU B 114 16.49 -16.00 29.81
CA GLU B 114 15.83 -14.86 30.42
C GLU B 114 16.84 -13.95 31.12
N GLU B 115 17.88 -14.55 31.70
CA GLU B 115 18.93 -13.82 32.40
C GLU B 115 19.88 -13.14 31.41
N LEU B 116 20.09 -13.78 30.25
CA LEU B 116 20.90 -13.23 29.17
C LEU B 116 20.26 -11.94 28.66
N ALA B 117 18.96 -12.01 28.40
CA ALA B 117 18.20 -10.89 27.86
C ALA B 117 18.23 -9.68 28.78
N VAL B 118 18.04 -9.89 30.08
CA VAL B 118 18.04 -8.72 30.97
C VAL B 118 19.43 -8.08 30.98
N ASP B 119 20.48 -8.89 30.81
CA ASP B 119 21.82 -8.33 30.69
C ASP B 119 21.94 -7.45 29.45
N LEU B 120 21.58 -8.00 28.30
CA LEU B 120 21.72 -7.24 27.06
C LEU B 120 20.84 -5.99 27.11
N LEU B 121 19.62 -6.11 27.61
CA LEU B 121 18.75 -4.94 27.74
C LEU B 121 19.42 -3.82 28.56
N ALA B 122 20.06 -4.17 29.66
CA ALA B 122 20.74 -3.17 30.48
C ALA B 122 21.91 -2.56 29.70
N LYS B 123 22.56 -3.43 28.93
CA LYS B 123 23.71 -3.05 28.14
C LYS B 123 23.34 -1.93 27.17
N VAL B 124 22.26 -2.13 26.43
CA VAL B 124 21.85 -1.13 25.45
C VAL B 124 20.88 -0.14 26.08
N GLY B 125 20.80 -0.15 27.41
CA GLY B 125 19.99 0.80 28.16
C GLY B 125 18.50 0.77 27.86
N LEU B 126 17.91 -0.43 27.96
CA LEU B 126 16.49 -0.59 27.70
C LEU B 126 15.79 -1.43 28.75
N LEU B 127 16.43 -1.58 29.92
CA LEU B 127 15.91 -2.48 30.96
C LEU B 127 14.48 -2.12 31.37
N ASP B 128 14.22 -0.83 31.57
CA ASP B 128 12.90 -0.39 31.98
C ASP B 128 11.84 -0.68 30.94
N LYS B 129 12.26 -1.17 29.78
CA LYS B 129 11.34 -1.34 28.65
C LYS B 129 11.12 -2.82 28.33
N LYS B 130 11.59 -3.70 29.21
CA LYS B 130 11.65 -5.14 28.93
C LYS B 130 10.30 -5.75 28.54
N ASP B 131 9.23 -5.28 29.13
CA ASP B 131 7.96 -5.92 28.85
C ASP B 131 7.16 -5.29 27.72
N GLN B 132 7.24 -3.98 27.59
CA GLN B 132 6.61 -3.23 26.51
C GLN B 132 6.76 -3.86 25.15
N TYR B 133 6.01 -3.37 24.19
CA TYR B 133 5.99 -3.97 22.88
C TYR B 133 6.64 -3.06 21.89
N PRO B 134 7.14 -3.71 20.75
CA PRO B 134 7.95 -2.84 19.90
C PRO B 134 7.35 -1.52 19.48
N ILE B 135 6.08 -1.30 19.74
CA ILE B 135 5.42 -0.17 19.13
C ILE B 135 5.41 1.02 20.05
N LYS B 136 5.74 0.79 21.30
CA LYS B 136 5.78 1.86 22.25
C LYS B 136 7.20 2.33 22.33
N LEU B 137 8.04 1.84 21.44
CA LEU B 137 9.44 2.23 21.47
C LEU B 137 9.74 3.31 20.45
N SER B 138 10.64 4.24 20.80
CA SER B 138 11.12 5.22 19.85
C SER B 138 11.96 4.50 18.80
N GLY B 139 12.16 5.15 17.66
CA GLY B 139 12.99 4.58 16.62
C GLY B 139 14.38 4.27 17.15
N GLY B 140 14.88 5.12 18.04
CA GLY B 140 16.16 4.91 18.68
C GLY B 140 16.11 3.75 19.68
N GLN B 141 15.05 3.70 20.48
CA GLN B 141 14.85 2.55 21.35
C GLN B 141 14.74 1.31 20.49
N LYS B 142 14.09 1.42 19.34
CA LYS B 142 13.87 0.24 18.51
C LYS B 142 15.19 -0.37 18.03
N GLN B 143 16.04 0.47 17.46
CA GLN B 143 17.26 -0.04 16.85
C GLN B 143 18.20 -0.59 17.90
N ARG B 144 18.21 0.02 19.08
CA ARG B 144 19.05 -0.48 20.16
C ARG B 144 18.55 -1.85 20.64
N LEU B 145 17.23 -2.02 20.66
CA LEU B 145 16.62 -3.27 21.05
C LEU B 145 16.92 -4.36 20.01
N ALA B 146 16.83 -3.98 18.73
CA ALA B 146 17.20 -4.87 17.63
C ALA B 146 18.64 -5.38 17.82
N ILE B 147 19.54 -4.48 18.20
CA ILE B 147 20.92 -4.83 18.42
C ILE B 147 21.04 -5.85 19.54
N ALA B 148 20.28 -5.65 20.62
CA ALA B 148 20.31 -6.57 21.75
C ALA B 148 19.96 -7.99 21.27
N ARG B 149 18.90 -8.07 20.47
CA ARG B 149 18.43 -9.33 19.95
C ARG B 149 19.49 -10.04 19.13
N ALA B 150 20.20 -9.27 18.31
CA ALA B 150 21.17 -9.87 17.41
C ALA B 150 22.30 -10.44 18.21
N LEU B 151 22.75 -9.69 19.22
CA LEU B 151 23.84 -10.08 20.10
C LEU B 151 23.51 -11.35 20.90
N ALA B 152 22.26 -11.51 21.32
CA ALA B 152 21.87 -12.65 22.16
C ALA B 152 22.12 -14.00 21.47
N MET B 153 22.35 -13.98 20.16
CA MET B 153 22.73 -15.19 19.45
C MET B 153 24.24 -15.26 19.29
N GLN B 154 24.90 -14.31 19.96
CA GLN B 154 26.36 -14.23 20.09
C GLN B 154 27.15 -14.50 18.83
N PRO B 155 27.02 -13.61 17.85
CA PRO B 155 27.81 -13.74 16.62
C PRO B 155 29.30 -13.36 16.79
N GLU B 156 30.09 -13.79 15.81
CA GLU B 156 31.49 -13.43 15.74
C GLU B 156 31.70 -12.23 14.81
N VAL B 157 30.66 -11.90 14.05
CA VAL B 157 30.63 -10.70 13.20
C VAL B 157 29.23 -10.13 13.22
N MET B 158 29.11 -8.81 13.11
CA MET B 158 27.81 -8.15 12.99
C MET B 158 27.72 -7.30 11.74
N LEU B 159 26.69 -7.57 10.94
CA LEU B 159 26.45 -6.81 9.73
C LEU B 159 25.47 -5.66 10.00
N PHE B 160 25.88 -4.45 9.64
CA PHE B 160 25.05 -3.27 9.86
C PHE B 160 24.62 -2.56 8.55
N ASP B 161 23.36 -2.76 8.17
CA ASP B 161 22.80 -2.23 6.94
C ASP B 161 22.02 -0.94 7.22
N GLU B 162 22.77 0.15 7.36
CA GLU B 162 22.26 1.51 7.55
C GLU B 162 21.33 1.65 8.75
N PRO B 163 21.87 1.31 9.92
CA PRO B 163 21.12 1.18 11.17
C PRO B 163 20.65 2.52 11.68
N THR B 164 21.13 3.58 11.07
CA THR B 164 20.78 4.93 11.55
C THR B 164 19.92 5.73 10.55
N SER B 165 19.80 5.23 9.32
CA SER B 165 19.17 5.95 8.23
C SER B 165 17.70 6.27 8.41
N ALA B 166 16.98 5.48 9.19
CA ALA B 166 15.55 5.75 9.34
C ALA B 166 15.25 6.34 10.71
N LEU B 167 16.22 7.10 11.23
CA LEU B 167 16.08 7.64 12.57
C LEU B 167 16.08 9.15 12.55
N ASP B 168 15.16 9.72 13.33
CA ASP B 168 15.17 11.13 13.60
C ASP B 168 16.55 11.46 14.13
N PRO B 169 17.06 12.65 13.78
CA PRO B 169 18.45 13.06 14.05
C PRO B 169 18.84 13.00 15.53
N GLU B 170 17.90 13.35 16.41
CA GLU B 170 18.12 13.33 17.86
C GLU B 170 18.25 11.93 18.40
N MET B 171 18.07 10.97 17.49
CA MET B 171 17.98 9.56 17.86
C MET B 171 19.18 8.78 17.33
N VAL B 172 19.98 9.41 16.49
CA VAL B 172 21.10 8.71 15.85
C VAL B 172 22.29 8.47 16.79
N LYS B 173 22.62 9.42 17.65
CA LYS B 173 23.73 9.30 18.61
C LYS B 173 23.64 8.00 19.37
N GLU B 174 22.50 7.79 20.03
CA GLU B 174 22.38 6.64 20.92
C GLU B 174 22.62 5.30 20.21
N VAL B 175 22.11 5.17 18.99
CA VAL B 175 22.35 3.96 18.26
C VAL B 175 23.82 3.90 17.84
N LEU B 176 24.37 5.03 17.41
CA LEU B 176 25.78 5.07 16.98
C LEU B 176 26.71 4.83 18.15
N ASN B 177 26.31 5.29 19.33
CA ASN B 177 27.12 5.09 20.52
C ASN B 177 27.22 3.59 20.86
N VAL B 178 26.09 2.91 20.88
CA VAL B 178 26.10 1.48 21.13
C VAL B 178 27.02 0.75 20.19
N MET B 179 26.91 1.06 18.90
CA MET B 179 27.70 0.42 17.89
C MET B 179 29.17 0.62 18.14
N LYS B 180 29.53 1.84 18.53
CA LYS B 180 30.91 2.23 18.83
C LYS B 180 31.42 1.41 20.00
N GLN B 181 30.63 1.37 21.08
CA GLN B 181 30.97 0.55 22.24
C GLN B 181 31.32 -0.89 21.87
N LEU B 182 30.51 -1.52 21.04
CA LEU B 182 30.85 -2.84 20.54
C LEU B 182 32.18 -2.86 19.81
N ALA B 183 32.43 -1.83 19.00
CA ALA B 183 33.69 -1.73 18.26
C ALA B 183 34.87 -1.71 19.24
N ASN B 184 34.70 -0.88 20.26
CA ASN B 184 35.65 -0.79 21.34
C ASN B 184 35.87 -2.15 22.01
N GLU B 185 34.85 -2.99 22.04
CA GLU B 185 34.95 -4.29 22.70
C GLU B 185 35.51 -5.34 21.78
N GLY B 186 35.86 -4.95 20.56
CA GLY B 186 36.56 -5.89 19.72
C GLY B 186 35.69 -6.70 18.81
N MET B 187 34.40 -6.40 18.80
CA MET B 187 33.46 -7.04 17.86
C MET B 187 33.84 -6.79 16.42
N THR B 188 33.79 -7.83 15.60
CA THR B 188 34.02 -7.66 14.17
C THR B 188 32.75 -7.10 13.55
N MET B 189 32.90 -6.00 12.81
CA MET B 189 31.75 -5.27 12.28
C MET B 189 31.95 -4.96 10.82
N VAL B 190 30.92 -5.24 10.02
CA VAL B 190 30.89 -4.64 8.70
C VAL B 190 29.71 -3.64 8.71
N VAL B 191 29.99 -2.39 8.39
CA VAL B 191 28.98 -1.32 8.50
C VAL B 191 28.80 -0.53 7.20
N VAL B 192 27.57 -0.51 6.70
CA VAL B 192 27.21 0.37 5.59
C VAL B 192 26.52 1.61 6.14
N THR B 193 27.12 2.79 5.96
CA THR B 193 26.54 3.96 6.60
C THR B 193 26.73 5.29 5.87
N HIS B 194 25.85 6.24 6.21
CA HIS B 194 25.94 7.63 5.74
C HIS B 194 26.63 8.42 6.81
N GLU B 195 26.77 7.83 7.99
CA GLU B 195 27.34 8.56 9.10
C GLU B 195 28.89 8.47 9.12
N MET B 196 29.57 9.43 8.47
CA MET B 196 31.04 9.30 8.38
C MET B 196 31.68 9.48 9.74
N GLY B 197 30.92 10.00 10.69
CA GLY B 197 31.45 10.20 12.03
C GLY B 197 31.92 8.91 12.66
N PHE B 198 31.10 7.88 12.48
CA PHE B 198 31.35 6.55 12.98
C PHE B 198 32.65 6.00 12.44
N ALA B 199 32.81 6.06 11.11
CA ALA B 199 34.05 5.59 10.46
C ALA B 199 35.25 6.33 11.05
N ARG B 200 35.14 7.66 11.14
CA ARG B 200 36.15 8.47 11.79
C ARG B 200 36.48 7.96 13.17
N GLU B 201 35.47 7.72 13.99
CA GLU B 201 35.71 7.46 15.40
C GLU B 201 36.18 6.05 15.81
N VAL B 202 35.72 5.01 15.11
CA VAL B 202 36.07 3.65 15.50
C VAL B 202 36.37 2.75 14.28
N GLY B 203 36.29 3.31 13.09
CA GLY B 203 36.49 2.49 11.90
C GLY B 203 37.93 2.07 11.74
N ASP B 204 38.16 0.84 11.28
CA ASP B 204 39.52 0.45 10.96
C ASP B 204 39.80 0.63 9.48
N ARG B 205 38.78 0.42 8.68
CA ARG B 205 38.96 0.41 7.24
C ARG B 205 37.74 1.01 6.57
N VAL B 206 37.94 1.79 5.50
CA VAL B 206 36.80 2.38 4.82
C VAL B 206 36.80 1.96 3.36
N ILE B 207 35.64 1.48 2.93
CA ILE B 207 35.43 1.05 1.55
C ILE B 207 34.52 2.02 0.83
N PHE B 208 35.01 2.59 -0.27
CA PHE B 208 34.15 3.44 -1.10
C PHE B 208 33.68 2.72 -2.38
N MET B 209 32.37 2.54 -2.46
CA MET B 209 31.77 1.86 -3.60
C MET B 209 31.08 2.86 -4.53
N ASP B 210 31.14 2.56 -5.82
CA ASP B 210 30.47 3.40 -6.77
C ASP B 210 30.18 2.59 -8.03
N ASP B 211 28.92 2.63 -8.44
CA ASP B 211 28.50 1.94 -9.64
C ASP B 211 28.83 0.43 -9.60
N GLY B 212 28.50 -0.21 -8.48
CA GLY B 212 28.66 -1.66 -8.35
C GLY B 212 30.08 -2.18 -8.20
N VAL B 213 30.99 -1.29 -7.81
CA VAL B 213 32.39 -1.63 -7.72
C VAL B 213 32.99 -0.92 -6.51
N ILE B 214 34.02 -1.53 -5.90
CA ILE B 214 34.82 -0.82 -4.89
C ILE B 214 35.87 -0.01 -5.63
N VAL B 215 35.72 1.32 -5.63
CA VAL B 215 36.59 2.13 -6.46
C VAL B 215 37.81 2.55 -5.69
N GLU B 216 37.71 2.61 -4.37
CA GLU B 216 38.86 2.97 -3.52
C GLU B 216 38.65 2.59 -2.06
N GLU B 217 39.73 2.34 -1.34
CA GLU B 217 39.64 1.94 0.07
C GLU B 217 40.93 2.16 0.82
N GLY B 218 40.80 2.32 2.14
CA GLY B 218 41.94 2.59 2.99
C GLY B 218 41.46 2.85 4.39
N THR B 219 42.30 3.49 5.20
CA THR B 219 41.88 3.82 6.55
C THR B 219 41.02 5.05 6.49
N PRO B 220 40.28 5.30 7.56
CA PRO B 220 39.44 6.49 7.70
C PRO B 220 40.16 7.79 7.29
N GLU B 221 41.37 8.01 7.82
CA GLU B 221 42.06 9.27 7.56
C GLU B 221 42.63 9.29 6.14
N GLU B 222 43.00 8.12 5.63
CA GLU B 222 43.40 8.01 4.23
C GLU B 222 42.30 8.48 3.28
N ILE B 223 41.12 7.89 3.43
CA ILE B 223 39.98 8.20 2.59
C ILE B 223 39.44 9.61 2.84
N PHE B 224 39.40 10.03 4.10
CA PHE B 224 38.72 11.29 4.39
C PHE B 224 39.60 12.54 4.16
N TYR B 225 40.92 12.36 3.99
CA TYR B 225 41.84 13.52 3.86
C TYR B 225 42.77 13.43 2.65
N ARG B 226 42.94 12.22 2.14
CA ARG B 226 43.95 11.96 1.12
C ARG B 226 43.45 11.01 0.06
N ALA B 227 42.14 11.05 -0.23
CA ALA B 227 41.56 10.14 -1.21
C ALA B 227 42.22 10.32 -2.57
N LYS B 228 42.63 9.21 -3.20
CA LYS B 228 43.38 9.28 -4.45
C LYS B 228 42.46 9.42 -5.68
N ASN B 229 41.35 8.68 -5.68
CA ASN B 229 40.53 8.57 -6.89
C ASN B 229 39.53 9.70 -7.06
N GLU B 230 39.32 10.12 -8.32
CA GLU B 230 38.48 11.27 -8.62
C GLU B 230 37.04 11.09 -8.14
N ARG B 231 36.50 9.90 -8.29
CA ARG B 231 35.13 9.61 -7.89
C ARG B 231 34.99 9.66 -6.37
N THR B 232 36.02 9.22 -5.67
CA THR B 232 36.05 9.30 -4.21
C THR B 232 35.99 10.76 -3.77
N ARG B 233 36.82 11.59 -4.39
CA ARG B 233 36.87 13.01 -4.09
C ARG B 233 35.54 13.67 -4.40
N GLU B 234 35.00 13.32 -5.55
CA GLU B 234 33.76 13.88 -6.04
C GLU B 234 32.60 13.59 -5.07
N PHE B 235 32.50 12.32 -4.69
CA PHE B 235 31.49 11.87 -3.74
C PHE B 235 31.65 12.54 -2.38
N LEU B 236 32.87 12.49 -1.86
CA LEU B 236 33.19 13.07 -0.55
C LEU B 236 32.91 14.54 -0.52
N SER B 237 33.17 15.18 -1.65
CA SER B 237 33.00 16.60 -1.77
C SER B 237 31.55 17.01 -1.55
N LYS B 238 30.63 16.18 -2.04
CA LYS B 238 29.22 16.47 -1.91
C LYS B 238 28.70 16.22 -0.49
N ILE B 239 29.37 15.33 0.25
CA ILE B 239 28.82 14.86 1.52
C ILE B 239 29.52 15.39 2.78
N LEU B 240 30.81 15.71 2.71
CA LEU B 240 31.52 16.14 3.92
C LEU B 240 31.25 17.61 4.20
N MET C 1 -51.62 -5.93 -9.10
CA MET C 1 -52.60 -4.87 -8.86
C MET C 1 -51.87 -3.56 -8.53
N THR C 2 -51.96 -3.12 -7.28
CA THR C 2 -51.13 -2.03 -6.79
C THR C 2 -50.42 -2.46 -5.53
N VAL C 3 -49.35 -1.74 -5.20
CA VAL C 3 -48.50 -2.14 -4.08
C VAL C 3 -49.31 -2.34 -2.81
N ASP C 4 -49.07 -3.48 -2.16
CA ASP C 4 -49.62 -3.73 -0.85
C ASP C 4 -48.64 -4.61 -0.08
N PHE C 5 -47.91 -4.01 0.85
CA PHE C 5 -46.95 -4.78 1.65
C PHE C 5 -47.68 -5.36 2.84
N LEU C 6 -48.70 -4.64 3.29
CA LEU C 6 -49.40 -4.96 4.51
C LEU C 6 -49.93 -6.40 4.48
N SER C 7 -50.28 -6.84 3.28
CA SER C 7 -50.78 -8.21 3.03
C SER C 7 -49.69 -9.26 3.18
N MET C 8 -48.43 -8.82 3.07
CA MET C 8 -47.26 -9.70 3.14
C MET C 8 -46.97 -10.12 4.58
N VAL C 9 -47.47 -9.32 5.52
CA VAL C 9 -47.19 -9.46 6.95
C VAL C 9 -47.44 -10.85 7.49
N LYS C 10 -48.51 -11.46 7.03
CA LYS C 10 -48.94 -12.74 7.55
C LYS C 10 -47.95 -13.83 7.15
N TYR C 11 -47.06 -13.51 6.21
CA TYR C 11 -46.16 -14.51 5.67
C TYR C 11 -44.81 -14.52 6.39
N THR C 12 -44.73 -13.73 7.46
CA THR C 12 -43.52 -13.63 8.25
C THR C 12 -42.85 -14.98 8.54
N PRO C 13 -43.61 -15.97 9.03
CA PRO C 13 -43.02 -17.28 9.35
C PRO C 13 -42.27 -17.88 8.17
N LEU C 14 -42.67 -17.49 6.97
CA LEU C 14 -42.02 -17.96 5.76
C LEU C 14 -40.66 -17.30 5.58
N PHE C 15 -40.66 -15.98 5.64
CA PHE C 15 -39.43 -15.22 5.57
C PHE C 15 -38.43 -15.67 6.66
N ILE C 16 -38.89 -15.66 7.91
CA ILE C 16 -38.07 -16.13 9.04
C ILE C 16 -37.48 -17.50 8.75
N SER C 17 -38.27 -18.35 8.11
CA SER C 17 -37.83 -19.69 7.73
C SER C 17 -36.83 -19.65 6.56
N GLY C 18 -37.05 -18.72 5.63
CA GLY C 18 -36.18 -18.56 4.48
C GLY C 18 -34.81 -18.13 4.92
N LEU C 19 -34.76 -17.09 5.76
CA LEU C 19 -33.53 -16.59 6.38
C LEU C 19 -32.71 -17.68 7.08
N ILE C 20 -33.34 -18.35 8.04
CA ILE C 20 -32.69 -19.41 8.81
C ILE C 20 -32.11 -20.49 7.89
N MET C 21 -32.68 -20.61 6.69
CA MET C 21 -32.17 -21.57 5.71
C MET C 21 -30.97 -20.93 5.00
N THR C 22 -31.09 -19.65 4.64
CA THR C 22 -29.97 -18.95 4.01
C THR C 22 -28.76 -19.05 4.94
N LEU C 23 -29.00 -18.80 6.23
CA LEU C 23 -27.96 -18.92 7.25
C LEU C 23 -27.33 -20.32 7.29
N LYS C 24 -28.17 -21.35 7.42
CA LYS C 24 -27.68 -22.72 7.51
C LYS C 24 -26.86 -23.12 6.29
N LEU C 25 -27.25 -22.63 5.12
CA LEU C 25 -26.56 -22.99 3.88
C LEU C 25 -25.15 -22.39 3.81
N THR C 26 -25.08 -21.07 3.98
CA THR C 26 -23.84 -20.31 3.90
C THR C 26 -22.84 -20.73 4.97
N PHE C 27 -23.31 -20.79 6.21
CA PHE C 27 -22.51 -21.18 7.34
C PHE C 27 -21.79 -22.50 7.14
N LEU C 28 -22.49 -23.48 6.60
CA LEU C 28 -21.88 -24.77 6.40
C LEU C 28 -20.93 -24.75 5.20
N ALA C 29 -21.35 -24.05 4.15
CA ALA C 29 -20.54 -24.01 2.94
C ALA C 29 -19.21 -23.34 3.22
N VAL C 30 -19.24 -22.23 3.95
CA VAL C 30 -18.03 -21.56 4.38
C VAL C 30 -17.19 -22.47 5.30
N THR C 31 -17.78 -22.97 6.39
CA THR C 31 -17.07 -23.86 7.29
C THR C 31 -16.27 -24.90 6.51
N ILE C 32 -16.88 -25.46 5.48
CA ILE C 32 -16.18 -26.43 4.66
C ILE C 32 -15.18 -25.75 3.74
N GLY C 33 -15.63 -24.69 3.09
CA GLY C 33 -14.82 -23.98 2.11
C GLY C 33 -13.49 -23.53 2.65
N VAL C 34 -13.51 -23.05 3.89
CA VAL C 34 -12.32 -22.59 4.59
C VAL C 34 -11.32 -23.72 4.77
N LEU C 35 -11.73 -24.76 5.49
CA LEU C 35 -10.91 -25.95 5.67
C LEU C 35 -10.45 -26.47 4.31
N MET C 36 -11.35 -26.42 3.33
CA MET C 36 -10.98 -26.83 2.00
C MET C 36 -9.89 -25.95 1.42
N GLY C 37 -10.09 -24.64 1.53
CA GLY C 37 -9.14 -23.67 0.98
C GLY C 37 -7.79 -23.75 1.66
N LEU C 38 -7.83 -23.92 2.98
CA LEU C 38 -6.64 -24.09 3.77
C LEU C 38 -5.78 -25.23 3.20
N PHE C 39 -6.45 -26.30 2.79
CA PHE C 39 -5.79 -27.47 2.25
C PHE C 39 -5.20 -27.18 0.88
N ILE C 40 -5.96 -26.45 0.07
CA ILE C 40 -5.51 -26.11 -1.27
C ILE C 40 -4.28 -25.23 -1.21
N ALA C 41 -4.26 -24.35 -0.22
CA ALA C 41 -3.15 -23.42 -0.01
C ALA C 41 -1.82 -24.19 0.17
N LEU C 42 -1.82 -25.09 1.15
CA LEU C 42 -0.66 -25.92 1.49
C LEU C 42 -0.11 -26.67 0.29
N MET C 43 -1.01 -27.07 -0.60
CA MET C 43 -0.60 -27.76 -1.80
C MET C 43 0.15 -26.85 -2.77
N LYS C 44 -0.22 -25.58 -2.80
CA LYS C 44 0.39 -24.62 -3.71
C LYS C 44 1.74 -24.18 -3.15
N MET C 45 1.99 -24.57 -1.90
CA MET C 45 3.26 -24.32 -1.20
C MET C 45 4.21 -25.53 -1.27
N SER C 46 3.70 -26.64 -1.78
CA SER C 46 4.49 -27.86 -1.90
C SER C 46 5.67 -27.64 -2.84
N SER C 47 6.80 -28.26 -2.51
CA SER C 47 7.97 -28.24 -3.38
C SER C 47 7.67 -29.07 -4.62
N ILE C 48 6.87 -30.11 -4.41
CA ILE C 48 6.45 -31.07 -5.42
C ILE C 48 5.66 -30.47 -6.57
N LYS C 49 6.28 -30.45 -7.74
CA LYS C 49 5.75 -29.79 -8.95
C LYS C 49 4.34 -30.21 -9.37
N PRO C 50 4.02 -31.51 -9.28
CA PRO C 50 2.66 -31.96 -9.62
C PRO C 50 1.60 -31.33 -8.71
N ILE C 51 1.78 -31.49 -7.39
CA ILE C 51 0.82 -31.00 -6.41
C ILE C 51 0.62 -29.48 -6.52
N LYS C 52 1.72 -28.73 -6.64
CA LYS C 52 1.63 -27.27 -6.77
C LYS C 52 0.88 -26.91 -8.06
N LEU C 53 1.09 -27.69 -9.11
CA LEU C 53 0.47 -27.41 -10.41
C LEU C 53 -1.03 -27.65 -10.38
N VAL C 54 -1.47 -28.69 -9.66
CA VAL C 54 -2.91 -29.01 -9.60
C VAL C 54 -3.68 -27.98 -8.76
N ALA C 55 -3.18 -27.66 -7.57
CA ALA C 55 -3.81 -26.67 -6.70
C ALA C 55 -3.89 -25.31 -7.39
N SER C 56 -2.90 -25.01 -8.23
CA SER C 56 -2.92 -23.75 -9.00
C SER C 56 -3.98 -23.78 -10.10
N SER C 57 -4.11 -24.93 -10.76
CA SER C 57 -5.11 -25.11 -11.82
C SER C 57 -6.52 -25.16 -11.24
N TYR C 58 -6.68 -25.85 -10.09
CA TYR C 58 -7.96 -25.88 -9.39
C TYR C 58 -8.47 -24.48 -9.09
N ILE C 59 -7.60 -23.70 -8.43
CA ILE C 59 -7.89 -22.34 -8.02
C ILE C 59 -8.17 -21.48 -9.24
N GLU C 60 -7.34 -21.63 -10.25
CA GLU C 60 -7.44 -20.85 -11.47
C GLU C 60 -8.80 -21.07 -12.15
N VAL C 61 -9.28 -22.30 -12.08
CA VAL C 61 -10.51 -22.71 -12.76
C VAL C 61 -11.78 -22.26 -12.04
N ILE C 62 -11.91 -22.61 -10.77
CA ILE C 62 -13.06 -22.18 -9.96
C ILE C 62 -13.25 -20.65 -9.94
N ARG C 63 -12.17 -19.91 -9.79
CA ARG C 63 -12.32 -18.46 -9.75
C ARG C 63 -12.71 -17.90 -11.09
N GLY C 64 -12.20 -18.49 -12.17
CA GLY C 64 -12.41 -17.96 -13.51
C GLY C 64 -13.64 -18.55 -14.19
N THR C 65 -14.56 -19.05 -13.36
CA THR C 65 -15.73 -19.80 -13.82
C THR C 65 -16.96 -19.47 -12.95
N PRO C 66 -18.15 -19.34 -13.59
CA PRO C 66 -19.37 -18.91 -12.88
C PRO C 66 -19.80 -19.82 -11.72
N LEU C 67 -20.34 -19.24 -10.64
CA LEU C 67 -20.84 -20.04 -9.53
C LEU C 67 -21.99 -20.87 -10.03
N LEU C 68 -22.86 -20.25 -10.82
CA LEU C 68 -24.06 -20.92 -11.36
C LEU C 68 -23.69 -22.20 -12.06
N VAL C 69 -22.78 -22.11 -13.04
CA VAL C 69 -22.36 -23.28 -13.77
C VAL C 69 -21.83 -24.34 -12.82
N GLN C 70 -21.14 -23.93 -11.76
CA GLN C 70 -20.68 -24.87 -10.74
C GLN C 70 -21.85 -25.55 -10.01
N LEU C 71 -22.91 -24.79 -9.74
CA LEU C 71 -24.08 -25.34 -9.07
C LEU C 71 -24.73 -26.38 -9.95
N LEU C 72 -25.09 -25.97 -11.16
CA LEU C 72 -25.74 -26.84 -12.13
C LEU C 72 -24.89 -28.08 -12.44
N LEU C 73 -23.58 -27.90 -12.59
CA LEU C 73 -22.71 -29.01 -12.89
C LEU C 73 -22.83 -30.07 -11.82
N ILE C 74 -22.94 -29.66 -10.57
CA ILE C 74 -23.06 -30.63 -9.51
C ILE C 74 -24.46 -31.27 -9.53
N TYR C 75 -25.49 -30.44 -9.57
CA TYR C 75 -26.89 -30.89 -9.52
C TYR C 75 -27.32 -31.66 -10.77
N ASN C 76 -27.46 -30.93 -11.88
CA ASN C 76 -27.91 -31.49 -13.15
C ASN C 76 -26.91 -32.44 -13.83
N GLY C 77 -25.65 -32.06 -13.81
CA GLY C 77 -24.62 -32.85 -14.45
C GLY C 77 -24.47 -34.22 -13.84
N LEU C 78 -24.80 -34.37 -12.57
CA LEU C 78 -24.53 -35.64 -11.93
C LEU C 78 -25.67 -36.65 -12.04
N MET C 79 -26.84 -36.18 -12.48
CA MET C 79 -28.02 -37.03 -12.63
C MET C 79 -27.73 -38.25 -13.51
N GLN C 80 -27.16 -38.00 -14.68
CA GLN C 80 -26.93 -39.07 -15.65
C GLN C 80 -25.97 -40.17 -15.19
N PHE C 81 -25.51 -40.10 -13.95
CA PHE C 81 -24.68 -41.16 -13.41
C PHE C 81 -25.43 -41.90 -12.33
N GLY C 82 -26.73 -41.65 -12.25
CA GLY C 82 -27.54 -42.26 -11.21
C GLY C 82 -27.29 -41.57 -9.89
N MET C 83 -26.94 -40.29 -9.96
CA MET C 83 -26.71 -39.48 -8.78
C MET C 83 -27.87 -38.54 -8.57
N ASN C 84 -28.47 -38.60 -7.38
CA ASN C 84 -29.53 -37.66 -7.03
C ASN C 84 -29.24 -37.00 -5.71
N ILE C 85 -28.38 -35.99 -5.76
CA ILE C 85 -28.03 -35.22 -4.58
C ILE C 85 -29.07 -34.14 -4.34
N PRO C 86 -29.54 -34.03 -3.08
CA PRO C 86 -30.51 -33.01 -2.66
C PRO C 86 -30.05 -31.62 -3.06
N ALA C 87 -30.95 -30.66 -3.16
CA ALA C 87 -30.50 -29.31 -3.51
C ALA C 87 -29.53 -28.80 -2.45
N PHE C 88 -29.89 -29.02 -1.19
CA PHE C 88 -29.09 -28.56 -0.06
C PHE C 88 -27.67 -29.00 -0.19
N THR C 89 -27.43 -30.31 -0.25
CA THR C 89 -26.06 -30.74 -0.31
C THR C 89 -25.41 -30.18 -1.58
N ALA C 90 -26.18 -30.05 -2.67
CA ALA C 90 -25.64 -29.50 -3.90
C ALA C 90 -25.16 -28.05 -3.71
N GLY C 91 -25.98 -27.22 -3.08
CA GLY C 91 -25.68 -25.81 -2.86
C GLY C 91 -24.49 -25.65 -1.94
N VAL C 92 -24.47 -26.42 -0.86
CA VAL C 92 -23.32 -26.41 0.05
C VAL C 92 -22.03 -26.71 -0.71
N SER C 93 -21.97 -27.85 -1.39
CA SER C 93 -20.80 -28.23 -2.19
C SER C 93 -20.34 -27.16 -3.16
N ALA C 94 -21.29 -26.57 -3.87
CA ALA C 94 -20.96 -25.53 -4.83
C ALA C 94 -20.35 -24.36 -4.08
N LEU C 95 -20.94 -24.01 -2.95
CA LEU C 95 -20.42 -22.89 -2.19
C LEU C 95 -19.08 -23.25 -1.57
N ALA C 96 -19.03 -24.34 -0.80
CA ALA C 96 -17.76 -24.75 -0.19
C ALA C 96 -16.64 -24.85 -1.21
N ILE C 97 -16.95 -25.23 -2.44
CA ILE C 97 -15.93 -25.31 -3.48
C ILE C 97 -15.56 -23.92 -4.02
N ASN C 98 -16.56 -23.13 -4.40
CA ASN C 98 -16.28 -21.78 -4.87
C ASN C 98 -15.59 -20.95 -3.77
N SER C 99 -16.10 -21.11 -2.55
CA SER C 99 -15.51 -20.51 -1.37
C SER C 99 -14.05 -20.91 -1.24
N SER C 100 -13.77 -22.22 -1.28
CA SER C 100 -12.43 -22.73 -1.04
C SER C 100 -11.33 -22.04 -1.87
N ALA C 101 -11.62 -21.69 -3.13
CA ALA C 101 -10.62 -21.07 -4.00
C ALA C 101 -10.22 -19.68 -3.52
N TYR C 102 -11.22 -18.86 -3.21
CA TYR C 102 -10.97 -17.53 -2.73
C TYR C 102 -10.29 -17.55 -1.35
N VAL C 103 -10.51 -18.62 -0.58
CA VAL C 103 -9.86 -18.81 0.72
C VAL C 103 -8.37 -19.13 0.56
N ALA C 104 -8.08 -19.98 -0.42
CA ALA C 104 -6.70 -20.39 -0.66
C ALA C 104 -5.85 -19.20 -1.18
N GLU C 105 -6.54 -18.24 -1.78
CA GLU C 105 -5.90 -17.06 -2.32
C GLU C 105 -5.86 -15.95 -1.28
N ILE C 106 -6.79 -16.00 -0.35
CA ILE C 106 -6.80 -15.05 0.75
C ILE C 106 -5.65 -15.35 1.67
N ILE C 107 -5.48 -16.63 1.97
CA ILE C 107 -4.39 -17.04 2.82
C ILE C 107 -3.03 -16.65 2.23
N ARG C 108 -2.74 -17.12 1.02
CA ARG C 108 -1.48 -16.79 0.35
C ARG C 108 -1.22 -15.30 0.37
N ALA C 109 -2.27 -14.51 0.22
CA ALA C 109 -2.11 -13.06 0.15
C ALA C 109 -1.85 -12.46 1.53
N GLY C 110 -2.29 -13.14 2.59
CA GLY C 110 -2.13 -12.63 3.95
C GLY C 110 -0.72 -12.87 4.44
N ILE C 111 -0.10 -13.89 3.86
CA ILE C 111 1.28 -14.25 4.14
C ILE C 111 2.23 -13.35 3.37
N GLN C 112 1.97 -13.23 2.08
CA GLN C 112 2.77 -12.36 1.24
C GLN C 112 2.65 -10.93 1.78
N ALA C 113 1.59 -10.69 2.55
CA ALA C 113 1.29 -9.37 3.04
C ALA C 113 2.21 -8.96 4.17
N VAL C 114 2.52 -9.88 5.08
CA VAL C 114 3.42 -9.54 6.17
C VAL C 114 4.79 -9.23 5.58
N ASP C 115 5.39 -8.15 6.10
CA ASP C 115 6.64 -7.59 5.60
C ASP C 115 7.72 -8.63 5.42
N PRO C 116 8.32 -8.66 4.22
CA PRO C 116 9.43 -9.54 3.87
C PRO C 116 10.61 -9.35 4.83
N GLY C 117 10.61 -8.21 5.53
CA GLY C 117 11.62 -7.91 6.51
C GLY C 117 11.60 -8.90 7.67
N GLN C 118 10.40 -9.27 8.11
CA GLN C 118 10.21 -10.20 9.23
C GLN C 118 10.89 -11.55 8.99
N ASN C 119 10.73 -12.09 7.79
CA ASN C 119 11.39 -13.36 7.49
C ASN C 119 12.88 -13.18 7.64
N GLU C 120 13.39 -12.09 7.07
CA GLU C 120 14.83 -11.79 7.09
C GLU C 120 15.45 -11.70 8.48
N ALA C 121 14.82 -10.95 9.37
CA ALA C 121 15.24 -10.87 10.76
C ALA C 121 15.35 -12.28 11.36
N ALA C 122 14.29 -13.07 11.16
CA ALA C 122 14.25 -14.40 11.74
C ALA C 122 15.29 -15.31 11.11
N ARG C 123 15.35 -15.35 9.79
CA ARG C 123 16.33 -16.21 9.13
C ARG C 123 17.74 -15.81 9.50
N SER C 124 17.95 -14.50 9.67
CA SER C 124 19.28 -13.97 9.94
C SER C 124 19.69 -14.23 11.39
N LEU C 125 18.76 -14.73 12.19
CA LEU C 125 18.96 -15.10 13.58
C LEU C 125 19.11 -16.60 13.76
N GLY C 126 19.33 -17.31 12.65
CA GLY C 126 19.49 -18.76 12.70
C GLY C 126 18.21 -19.58 12.51
N MET C 127 17.04 -18.95 12.68
CA MET C 127 15.76 -19.64 12.52
C MET C 127 15.53 -20.15 11.11
N THR C 128 15.01 -21.36 11.03
CA THR C 128 14.69 -22.03 9.77
C THR C 128 13.30 -21.62 9.25
N HIS C 129 13.06 -21.84 7.96
CA HIS C 129 11.80 -21.46 7.33
C HIS C 129 10.62 -21.94 8.19
N ALA C 130 10.76 -23.15 8.72
CA ALA C 130 9.76 -23.74 9.61
C ALA C 130 9.53 -22.88 10.85
N MET C 131 10.60 -22.64 11.59
CA MET C 131 10.53 -21.87 12.83
C MET C 131 10.08 -20.44 12.58
N ALA C 132 10.65 -19.84 11.54
CA ALA C 132 10.36 -18.47 11.17
C ALA C 132 8.87 -18.36 10.97
N MET C 133 8.35 -19.40 10.34
CA MET C 133 6.94 -19.48 9.98
C MET C 133 6.04 -19.62 11.19
N ARG C 134 6.40 -20.53 12.08
CA ARG C 134 5.58 -20.77 13.25
C ARG C 134 5.59 -19.60 14.23
N TYR C 135 6.78 -19.10 14.57
CA TYR C 135 6.89 -18.17 15.68
C TYR C 135 6.80 -16.70 15.26
N VAL C 136 7.02 -16.42 13.98
CA VAL C 136 7.03 -15.02 13.55
C VAL C 136 6.00 -14.73 12.47
N ILE C 137 6.10 -15.40 11.33
CA ILE C 137 5.30 -15.03 10.17
C ILE C 137 3.79 -15.30 10.31
N ILE C 138 3.41 -16.56 10.52
CA ILE C 138 1.99 -16.95 10.52
C ILE C 138 1.12 -16.18 11.52
N PRO C 139 1.61 -16.01 12.77
CA PRO C 139 0.84 -15.25 13.77
C PRO C 139 0.43 -13.87 13.26
N GLN C 140 1.20 -13.33 12.32
CA GLN C 140 0.96 -12.00 11.75
C GLN C 140 0.08 -12.06 10.51
N ALA C 141 0.12 -13.19 9.80
CA ALA C 141 -0.71 -13.37 8.61
C ALA C 141 -2.15 -13.59 9.04
N ILE C 142 -2.33 -14.21 10.19
CA ILE C 142 -3.66 -14.48 10.73
C ILE C 142 -4.47 -13.20 10.88
N LYS C 143 -3.84 -12.16 11.37
CA LYS C 143 -4.51 -10.88 11.48
C LYS C 143 -4.80 -10.33 10.09
N ASN C 144 -4.10 -10.82 9.08
CA ASN C 144 -4.39 -10.46 7.71
C ASN C 144 -5.54 -11.28 7.14
N ILE C 145 -5.60 -12.54 7.58
CA ILE C 145 -6.47 -13.53 6.98
C ILE C 145 -7.88 -13.54 7.55
N LEU C 146 -8.02 -13.56 8.88
CA LEU C 146 -9.34 -13.53 9.52
C LEU C 146 -10.25 -12.42 8.99
N PRO C 147 -9.71 -11.22 8.79
CA PRO C 147 -10.53 -10.16 8.20
C PRO C 147 -11.03 -10.50 6.80
N ALA C 148 -10.16 -11.06 5.96
CA ALA C 148 -10.52 -11.32 4.57
C ALA C 148 -11.48 -12.49 4.46
N LEU C 149 -11.44 -13.38 5.45
CA LEU C 149 -12.33 -14.52 5.51
C LEU C 149 -13.74 -14.03 5.85
N GLY C 150 -13.87 -13.40 7.02
CA GLY C 150 -15.13 -12.86 7.47
C GLY C 150 -15.76 -12.01 6.38
N ASN C 151 -14.92 -11.36 5.59
CA ASN C 151 -15.41 -10.56 4.48
C ASN C 151 -15.86 -11.46 3.34
N GLU C 152 -15.34 -12.69 3.32
CA GLU C 152 -15.71 -13.67 2.30
C GLU C 152 -17.06 -14.30 2.59
N PHE C 153 -17.25 -14.68 3.85
CA PHE C 153 -18.55 -15.17 4.33
C PHE C 153 -19.67 -14.21 3.94
N ILE C 154 -19.50 -12.94 4.24
CA ILE C 154 -20.49 -11.93 3.86
C ILE C 154 -20.82 -12.03 2.37
N VAL C 155 -19.80 -12.28 1.54
CA VAL C 155 -20.04 -12.48 0.11
C VAL C 155 -20.77 -13.80 -0.16
N MET C 156 -20.46 -14.83 0.62
CA MET C 156 -21.09 -16.15 0.49
C MET C 156 -22.59 -16.05 0.76
N LEU C 157 -23.02 -15.03 1.49
CA LEU C 157 -24.45 -14.86 1.79
C LEU C 157 -25.23 -14.38 0.58
N LYS C 158 -24.74 -13.32 -0.05
CA LYS C 158 -25.36 -12.89 -1.29
C LYS C 158 -25.30 -14.02 -2.30
N GLU C 159 -24.13 -14.65 -2.40
CA GLU C 159 -23.94 -15.76 -3.32
C GLU C 159 -25.09 -16.78 -3.23
N SER C 160 -25.40 -17.20 -2.01
CA SER C 160 -26.27 -18.35 -1.74
C SER C 160 -27.73 -18.23 -2.20
N ALA C 161 -28.17 -17.02 -2.55
CA ALA C 161 -29.51 -16.81 -3.07
C ALA C 161 -29.69 -17.54 -4.41
N ILE C 162 -28.59 -18.04 -4.95
CA ILE C 162 -28.62 -18.72 -6.23
C ILE C 162 -29.13 -20.16 -6.10
N VAL C 163 -29.02 -20.77 -4.92
CA VAL C 163 -29.52 -22.14 -4.79
C VAL C 163 -31.05 -22.17 -4.82
N SER C 164 -31.69 -21.00 -4.84
CA SER C 164 -33.12 -20.93 -5.00
C SER C 164 -33.55 -21.53 -6.36
N VAL C 165 -32.81 -21.20 -7.42
CA VAL C 165 -33.20 -21.65 -8.75
C VAL C 165 -33.18 -23.18 -8.85
N ILE C 166 -32.47 -23.82 -7.93
CA ILE C 166 -32.37 -25.27 -7.89
C ILE C 166 -33.49 -25.84 -7.02
N GLY C 167 -34.37 -24.93 -6.58
CA GLY C 167 -35.51 -25.32 -5.78
C GLY C 167 -35.16 -25.60 -4.34
N PHE C 168 -34.20 -24.85 -3.79
CA PHE C 168 -33.90 -24.97 -2.38
C PHE C 168 -34.67 -23.89 -1.61
N ALA C 169 -35.18 -24.26 -0.43
CA ALA C 169 -36.11 -23.38 0.28
C ALA C 169 -35.43 -22.20 1.00
N ASP C 170 -34.54 -21.49 0.30
CA ASP C 170 -33.78 -20.39 0.90
C ASP C 170 -34.62 -19.12 0.96
N LEU C 171 -34.02 -18.03 1.43
CA LEU C 171 -34.75 -16.79 1.61
C LEU C 171 -35.30 -16.22 0.28
N THR C 172 -34.61 -16.47 -0.83
CA THR C 172 -35.05 -15.95 -2.13
C THR C 172 -36.21 -16.76 -2.71
N ARG C 173 -36.18 -18.06 -2.40
CA ARG C 173 -37.19 -18.98 -2.88
C ARG C 173 -38.55 -18.63 -2.29
N GLN C 174 -38.54 -17.98 -1.13
CA GLN C 174 -39.79 -17.63 -0.46
C GLN C 174 -40.66 -16.70 -1.30
N ALA C 175 -40.08 -15.96 -2.23
CA ALA C 175 -40.89 -15.06 -3.05
C ALA C 175 -41.72 -15.83 -4.07
N ASP C 176 -41.16 -16.89 -4.63
CA ASP C 176 -41.92 -17.75 -5.52
C ASP C 176 -43.08 -18.36 -4.74
N ILE C 177 -42.71 -19.08 -3.67
CA ILE C 177 -43.66 -19.72 -2.79
C ILE C 177 -44.82 -18.80 -2.41
N ILE C 178 -44.52 -17.59 -1.96
CA ILE C 178 -45.57 -16.67 -1.57
C ILE C 178 -46.48 -16.34 -2.76
N GLN C 179 -45.91 -15.92 -3.88
CA GLN C 179 -46.69 -15.45 -5.02
C GLN C 179 -47.65 -16.51 -5.57
N SER C 180 -47.32 -17.78 -5.40
CA SER C 180 -48.20 -18.85 -5.85
C SER C 180 -49.58 -18.71 -5.20
N VAL C 181 -49.62 -17.97 -4.10
CA VAL C 181 -50.84 -17.78 -3.33
C VAL C 181 -51.25 -16.30 -3.24
N THR C 182 -50.51 -15.42 -3.91
CA THR C 182 -50.78 -14.01 -3.81
C THR C 182 -50.79 -13.35 -5.18
N TYR C 183 -50.08 -13.98 -6.10
CA TYR C 183 -49.89 -13.42 -7.44
C TYR C 183 -49.09 -12.11 -7.36
N ARG C 184 -48.46 -11.90 -6.19
CA ARG C 184 -47.55 -10.77 -5.94
C ARG C 184 -46.09 -11.21 -5.85
N TYR C 185 -45.25 -10.55 -6.64
CA TYR C 185 -43.81 -10.80 -6.71
C TYR C 185 -43.01 -9.65 -6.09
N PHE C 186 -43.40 -8.45 -6.50
CA PHE C 186 -42.78 -7.20 -6.06
C PHE C 186 -42.54 -7.12 -4.56
N GLU C 187 -43.63 -7.05 -3.79
CA GLU C 187 -43.53 -6.89 -2.33
C GLU C 187 -42.66 -7.95 -1.64
N PRO C 188 -42.87 -9.24 -1.97
CA PRO C 188 -42.07 -10.26 -1.30
C PRO C 188 -40.59 -10.18 -1.64
N TYR C 189 -40.27 -9.66 -2.82
CA TYR C 189 -38.88 -9.44 -3.19
C TYR C 189 -38.29 -8.27 -2.40
N ILE C 190 -38.90 -7.09 -2.50
CA ILE C 190 -38.49 -5.92 -1.71
C ILE C 190 -38.27 -6.32 -0.26
N ILE C 191 -39.16 -7.17 0.28
CA ILE C 191 -38.93 -7.68 1.63
C ILE C 191 -37.66 -8.50 1.73
N ILE C 192 -37.51 -9.47 0.85
CA ILE C 192 -36.36 -10.37 0.90
C ILE C 192 -35.08 -9.57 0.68
N ALA C 193 -35.08 -8.71 -0.33
CA ALA C 193 -33.96 -7.84 -0.57
C ALA C 193 -33.66 -7.03 0.70
N ALA C 194 -34.68 -6.45 1.32
CA ALA C 194 -34.47 -5.70 2.56
C ALA C 194 -33.82 -6.60 3.63
N ILE C 195 -34.25 -7.85 3.74
CA ILE C 195 -33.63 -8.74 4.71
C ILE C 195 -32.15 -8.96 4.38
N TYR C 196 -31.85 -9.22 3.10
CA TYR C 196 -30.47 -9.42 2.65
C TYR C 196 -29.63 -8.20 3.02
N PHE C 197 -30.19 -7.01 2.80
CA PHE C 197 -29.49 -5.78 3.17
C PHE C 197 -29.13 -5.77 4.63
N VAL C 198 -30.14 -5.86 5.50
CA VAL C 198 -29.92 -5.83 6.93
C VAL C 198 -28.92 -6.90 7.41
N MET C 199 -28.96 -8.09 6.84
CA MET C 199 -27.96 -9.10 7.15
C MET C 199 -26.56 -8.63 6.78
N THR C 200 -26.46 -7.98 5.62
CA THR C 200 -25.19 -7.43 5.18
C THR C 200 -24.65 -6.40 6.16
N LEU C 201 -25.46 -5.37 6.42
CA LEU C 201 -25.07 -4.30 7.33
C LEU C 201 -24.60 -4.87 8.65
N THR C 202 -25.43 -5.72 9.24
CA THR C 202 -25.12 -6.26 10.54
C THR C 202 -23.74 -6.93 10.56
N PHE C 203 -23.53 -7.90 9.67
CA PHE C 203 -22.24 -8.59 9.59
C PHE C 203 -21.07 -7.68 9.22
N SER C 204 -21.25 -6.76 8.27
CA SER C 204 -20.18 -5.83 7.91
C SER C 204 -19.74 -4.96 9.09
N LYS C 205 -20.72 -4.55 9.88
CA LYS C 205 -20.47 -3.75 11.06
C LYS C 205 -19.63 -4.56 12.06
N LEU C 206 -20.06 -5.78 12.38
CA LEU C 206 -19.32 -6.62 13.31
C LEU C 206 -17.96 -7.06 12.77
N LEU C 207 -17.84 -7.08 11.46
CA LEU C 207 -16.59 -7.45 10.82
C LEU C 207 -15.56 -6.35 11.02
N SER C 208 -15.96 -5.10 10.81
CA SER C 208 -15.04 -3.98 10.96
C SER C 208 -14.68 -3.82 12.43
N LEU C 209 -15.64 -4.11 13.30
CA LEU C 209 -15.46 -3.96 14.74
C LEU C 209 -14.42 -4.96 15.28
N PHE C 210 -14.41 -6.14 14.68
CA PHE C 210 -13.45 -7.21 15.00
C PHE C 210 -12.09 -6.89 14.39
N GLU C 211 -12.08 -6.01 13.39
CA GLU C 211 -10.84 -5.62 12.75
C GLU C 211 -10.05 -4.68 13.64
N ARG C 212 -10.73 -3.66 14.15
CA ARG C 212 -10.10 -2.69 15.04
C ARG C 212 -9.62 -3.33 16.35
N ARG C 213 -10.17 -4.50 16.68
CA ARG C 213 -9.76 -5.21 17.90
C ARG C 213 -8.43 -5.94 17.67
N LEU C 214 -8.17 -6.36 16.43
CA LEU C 214 -6.90 -7.02 16.12
C LEU C 214 -5.84 -6.00 15.73
N ARG C 215 -6.20 -5.12 14.81
CA ARG C 215 -5.32 -4.03 14.36
C ARG C 215 -5.74 -2.67 14.93
N MET D 1 -26.29 -41.83 -19.66
CA MET D 1 -25.53 -43.05 -19.90
C MET D 1 -24.15 -43.00 -19.24
N THR D 2 -23.12 -42.99 -20.09
CA THR D 2 -21.74 -42.71 -19.68
C THR D 2 -21.24 -41.63 -20.63
N VAL D 3 -20.17 -40.95 -20.22
CA VAL D 3 -19.63 -39.80 -20.92
C VAL D 3 -19.38 -39.99 -22.43
N ASP D 4 -19.81 -39.00 -23.21
CA ASP D 4 -19.52 -38.92 -24.63
C ASP D 4 -19.40 -37.46 -25.04
N PHE D 5 -18.18 -36.97 -25.25
CA PHE D 5 -18.02 -35.58 -25.66
C PHE D 5 -18.11 -35.47 -27.18
N LEU D 6 -17.66 -36.53 -27.84
CA LEU D 6 -17.57 -36.52 -29.29
C LEU D 6 -18.97 -36.26 -29.87
N SER D 7 -20.00 -36.70 -29.14
CA SER D 7 -21.38 -36.49 -29.53
C SER D 7 -21.77 -35.01 -29.42
N MET D 8 -21.00 -34.30 -28.58
CA MET D 8 -21.28 -32.89 -28.30
C MET D 8 -20.91 -31.97 -29.45
N VAL D 9 -19.99 -32.44 -30.29
CA VAL D 9 -19.46 -31.67 -31.41
C VAL D 9 -20.53 -31.07 -32.35
N LYS D 10 -21.64 -31.78 -32.57
CA LYS D 10 -22.65 -31.32 -33.53
C LYS D 10 -23.40 -30.08 -33.06
N TYR D 11 -23.28 -29.80 -31.76
CA TYR D 11 -24.07 -28.74 -31.15
C TYR D 11 -23.32 -27.41 -31.05
N THR D 12 -22.12 -27.39 -31.63
CA THR D 12 -21.28 -26.20 -31.62
C THR D 12 -22.03 -24.91 -31.93
N PRO D 13 -22.82 -24.87 -33.01
CA PRO D 13 -23.57 -23.65 -33.35
C PRO D 13 -24.39 -23.13 -32.19
N LEU D 14 -24.78 -24.03 -31.29
CA LEU D 14 -25.55 -23.63 -30.13
C LEU D 14 -24.68 -22.89 -29.15
N PHE D 15 -23.57 -23.51 -28.79
CA PHE D 15 -22.58 -22.91 -27.89
C PHE D 15 -22.10 -21.53 -28.39
N ILE D 16 -21.62 -21.49 -29.63
CA ILE D 16 -21.24 -20.23 -30.28
C ILE D 16 -22.35 -19.19 -30.20
N SER D 17 -23.59 -19.64 -30.35
CA SER D 17 -24.72 -18.74 -30.23
C SER D 17 -24.90 -18.29 -28.79
N GLY D 18 -24.63 -19.20 -27.85
CA GLY D 18 -24.75 -18.93 -26.43
C GLY D 18 -23.72 -17.91 -26.02
N LEU D 19 -22.47 -18.19 -26.38
CA LEU D 19 -21.35 -17.27 -26.14
C LEU D 19 -21.65 -15.86 -26.67
N ILE D 20 -21.93 -15.76 -27.96
CA ILE D 20 -22.26 -14.47 -28.59
C ILE D 20 -23.39 -13.78 -27.85
N MET D 21 -24.22 -14.55 -27.16
CA MET D 21 -25.31 -13.98 -26.42
C MET D 21 -24.79 -13.43 -25.09
N THR D 22 -23.96 -14.21 -24.41
CA THR D 22 -23.31 -13.78 -23.18
C THR D 22 -22.46 -12.51 -23.42
N LEU D 23 -21.69 -12.48 -24.50
CA LEU D 23 -20.89 -11.30 -24.85
C LEU D 23 -21.74 -10.03 -25.04
N LYS D 24 -22.71 -10.12 -25.93
CA LYS D 24 -23.63 -9.04 -26.29
C LYS D 24 -24.40 -8.56 -25.06
N LEU D 25 -24.69 -9.47 -24.13
CA LEU D 25 -25.38 -9.10 -22.90
C LEU D 25 -24.44 -8.28 -22.02
N THR D 26 -23.27 -8.83 -21.74
CA THR D 26 -22.32 -8.17 -20.86
C THR D 26 -21.77 -6.84 -21.43
N PHE D 27 -21.31 -6.85 -22.69
CA PHE D 27 -20.76 -5.65 -23.30
C PHE D 27 -21.72 -4.49 -23.08
N LEU D 28 -23.01 -4.74 -23.27
CA LEU D 28 -24.01 -3.69 -23.13
C LEU D 28 -24.29 -3.33 -21.67
N ALA D 29 -24.38 -4.35 -20.81
CA ALA D 29 -24.64 -4.11 -19.39
C ALA D 29 -23.49 -3.32 -18.75
N VAL D 30 -22.24 -3.70 -19.05
CA VAL D 30 -21.10 -2.91 -18.55
C VAL D 30 -21.16 -1.49 -19.11
N THR D 31 -21.17 -1.34 -20.43
CA THR D 31 -21.29 -0.02 -21.07
C THR D 31 -22.31 0.91 -20.41
N ILE D 32 -23.47 0.35 -20.09
CA ILE D 32 -24.48 1.13 -19.39
C ILE D 32 -24.06 1.33 -17.94
N GLY D 33 -23.65 0.23 -17.29
CA GLY D 33 -23.25 0.25 -15.89
C GLY D 33 -22.17 1.31 -15.64
N VAL D 34 -21.26 1.44 -16.60
CA VAL D 34 -20.22 2.45 -16.55
C VAL D 34 -20.82 3.84 -16.57
N LEU D 35 -21.50 4.19 -17.67
CA LEU D 35 -22.13 5.51 -17.79
C LEU D 35 -23.04 5.83 -16.62
N MET D 36 -23.77 4.82 -16.16
CA MET D 36 -24.59 5.01 -14.98
C MET D 36 -23.71 5.31 -13.79
N GLY D 37 -22.64 4.51 -13.63
CA GLY D 37 -21.75 4.61 -12.49
C GLY D 37 -20.99 5.92 -12.37
N LEU D 38 -20.49 6.42 -13.49
CA LEU D 38 -19.86 7.74 -13.53
C LEU D 38 -20.83 8.80 -12.99
N PHE D 39 -22.10 8.66 -13.37
CA PHE D 39 -23.14 9.59 -12.95
C PHE D 39 -23.40 9.50 -11.46
N ILE D 40 -23.48 8.28 -10.94
CA ILE D 40 -23.75 8.08 -9.52
C ILE D 40 -22.60 8.66 -8.70
N ALA D 41 -21.39 8.49 -9.21
CA ALA D 41 -20.18 9.00 -8.54
C ALA D 41 -20.31 10.49 -8.35
N LEU D 42 -20.51 11.20 -9.45
CA LEU D 42 -20.64 12.67 -9.45
C LEU D 42 -21.68 13.13 -8.43
N MET D 43 -22.72 12.34 -8.23
CA MET D 43 -23.75 12.67 -7.25
C MET D 43 -23.23 12.61 -5.84
N LYS D 44 -22.30 11.71 -5.58
CA LYS D 44 -21.74 11.55 -4.24
C LYS D 44 -20.66 12.61 -3.98
N MET D 45 -20.23 13.29 -5.05
CA MET D 45 -19.24 14.35 -4.96
C MET D 45 -19.92 15.71 -4.89
N SER D 46 -21.23 15.74 -5.15
CA SER D 46 -21.96 16.99 -5.15
C SER D 46 -22.00 17.62 -3.76
N SER D 47 -21.86 18.94 -3.74
CA SER D 47 -21.90 19.74 -2.52
C SER D 47 -23.27 19.63 -1.88
N ILE D 48 -24.29 19.52 -2.71
CA ILE D 48 -25.67 19.38 -2.27
C ILE D 48 -25.82 18.11 -1.44
N LYS D 49 -26.06 18.28 -0.14
CA LYS D 49 -26.13 17.17 0.81
C LYS D 49 -27.15 16.08 0.44
N PRO D 50 -28.32 16.48 -0.08
CA PRO D 50 -29.32 15.46 -0.44
C PRO D 50 -28.81 14.45 -1.47
N ILE D 51 -28.34 14.95 -2.61
CA ILE D 51 -27.88 14.13 -3.73
C ILE D 51 -26.79 13.12 -3.33
N LYS D 52 -25.81 13.58 -2.57
CA LYS D 52 -24.74 12.70 -2.10
C LYS D 52 -25.31 11.58 -1.24
N LEU D 53 -26.36 11.88 -0.46
CA LEU D 53 -26.93 10.89 0.45
C LEU D 53 -27.64 9.77 -0.29
N VAL D 54 -28.29 10.14 -1.39
CA VAL D 54 -29.04 9.20 -2.21
C VAL D 54 -28.07 8.25 -2.92
N ALA D 55 -27.07 8.83 -3.57
CA ALA D 55 -26.06 8.07 -4.28
C ALA D 55 -25.34 7.16 -3.30
N SER D 56 -25.20 7.61 -2.06
CA SER D 56 -24.55 6.82 -1.02
C SER D 56 -25.41 5.63 -0.63
N SER D 57 -26.71 5.87 -0.50
CA SER D 57 -27.69 4.83 -0.15
C SER D 57 -27.95 3.85 -1.29
N TYR D 58 -28.05 4.40 -2.51
CA TYR D 58 -28.19 3.60 -3.72
C TYR D 58 -27.02 2.62 -3.84
N ILE D 59 -25.80 3.16 -3.76
CA ILE D 59 -24.59 2.34 -3.85
C ILE D 59 -24.55 1.33 -2.71
N GLU D 60 -24.85 1.79 -1.50
CA GLU D 60 -24.78 0.93 -0.35
C GLU D 60 -25.78 -0.23 -0.47
N VAL D 61 -26.91 0.02 -1.14
CA VAL D 61 -27.98 -0.97 -1.26
C VAL D 61 -27.70 -2.08 -2.29
N ILE D 62 -27.42 -1.66 -3.52
CA ILE D 62 -27.11 -2.59 -4.60
C ILE D 62 -25.95 -3.52 -4.22
N ARG D 63 -24.87 -2.96 -3.68
CA ARG D 63 -23.68 -3.73 -3.34
C ARG D 63 -23.98 -4.71 -2.22
N GLY D 64 -24.88 -4.32 -1.32
CA GLY D 64 -25.21 -5.15 -0.17
C GLY D 64 -26.38 -6.08 -0.40
N THR D 65 -26.67 -6.33 -1.68
CA THR D 65 -27.88 -7.06 -2.08
C THR D 65 -27.58 -7.97 -3.30
N PRO D 66 -28.17 -9.17 -3.33
CA PRO D 66 -27.86 -10.16 -4.38
C PRO D 66 -28.22 -9.71 -5.79
N LEU D 67 -27.39 -10.05 -6.78
CA LEU D 67 -27.72 -9.75 -8.17
C LEU D 67 -29.00 -10.51 -8.55
N LEU D 68 -29.11 -11.78 -8.11
CA LEU D 68 -30.25 -12.63 -8.43
C LEU D 68 -31.57 -11.98 -8.06
N VAL D 69 -31.68 -11.56 -6.81
CA VAL D 69 -32.87 -10.86 -6.33
C VAL D 69 -33.14 -9.58 -7.13
N GLN D 70 -32.09 -8.88 -7.53
CA GLN D 70 -32.25 -7.72 -8.40
C GLN D 70 -32.78 -8.16 -9.75
N LEU D 71 -32.33 -9.34 -10.21
CA LEU D 71 -32.80 -9.86 -11.47
C LEU D 71 -34.30 -10.15 -11.34
N LEU D 72 -34.64 -11.03 -10.41
CA LEU D 72 -36.03 -11.44 -10.19
C LEU D 72 -36.95 -10.29 -9.87
N LEU D 73 -36.47 -9.33 -9.08
CA LEU D 73 -37.27 -8.18 -8.73
C LEU D 73 -37.72 -7.41 -9.97
N ILE D 74 -36.84 -7.25 -10.94
CA ILE D 74 -37.21 -6.52 -12.14
C ILE D 74 -38.15 -7.37 -13.00
N TYR D 75 -37.75 -8.61 -13.25
CA TYR D 75 -38.51 -9.51 -14.11
C TYR D 75 -39.84 -9.89 -13.48
N ASN D 76 -39.79 -10.70 -12.44
CA ASN D 76 -41.01 -11.18 -11.79
C ASN D 76 -41.79 -10.08 -11.04
N GLY D 77 -41.07 -9.27 -10.29
CA GLY D 77 -41.69 -8.22 -9.49
C GLY D 77 -42.43 -7.19 -10.30
N LEU D 78 -42.03 -7.00 -11.55
CA LEU D 78 -42.64 -5.96 -12.39
C LEU D 78 -43.84 -6.45 -13.20
N MET D 79 -44.07 -7.76 -13.23
CA MET D 79 -45.21 -8.34 -13.94
C MET D 79 -46.55 -7.81 -13.44
N GLN D 80 -46.76 -7.87 -12.12
CA GLN D 80 -48.03 -7.50 -11.51
C GLN D 80 -48.39 -6.02 -11.71
N PHE D 81 -47.59 -5.31 -12.50
CA PHE D 81 -47.89 -3.94 -12.87
C PHE D 81 -48.21 -3.85 -14.36
N GLY D 82 -48.41 -5.02 -14.96
CA GLY D 82 -48.69 -5.10 -16.38
C GLY D 82 -47.43 -4.89 -17.20
N MET D 83 -46.30 -5.23 -16.61
CA MET D 83 -45.02 -5.07 -17.30
C MET D 83 -44.49 -6.44 -17.73
N ASN D 84 -44.21 -6.57 -19.02
CA ASN D 84 -43.61 -7.79 -19.54
C ASN D 84 -42.33 -7.46 -20.32
N ILE D 85 -41.26 -7.23 -19.56
CA ILE D 85 -39.96 -6.94 -20.15
C ILE D 85 -39.25 -8.25 -20.49
N PRO D 86 -38.68 -8.32 -21.70
CA PRO D 86 -37.94 -9.50 -22.17
C PRO D 86 -36.86 -9.93 -21.18
N ALA D 87 -36.42 -11.20 -21.24
CA ALA D 87 -35.37 -11.67 -20.36
C ALA D 87 -34.11 -10.85 -20.60
N PHE D 88 -33.82 -10.59 -21.88
CA PHE D 88 -32.65 -9.79 -22.28
C PHE D 88 -32.61 -8.42 -21.59
N THR D 89 -33.65 -7.60 -21.75
CA THR D 89 -33.62 -6.29 -21.12
C THR D 89 -33.58 -6.40 -19.58
N ALA D 90 -34.26 -7.40 -19.02
CA ALA D 90 -34.25 -7.55 -17.57
C ALA D 90 -32.82 -7.74 -17.07
N GLY D 91 -32.08 -8.63 -17.73
CA GLY D 91 -30.72 -8.95 -17.36
C GLY D 91 -29.81 -7.76 -17.54
N VAL D 92 -29.90 -7.07 -18.68
CA VAL D 92 -29.13 -5.86 -18.90
C VAL D 92 -29.38 -4.84 -17.81
N SER D 93 -30.64 -4.49 -17.62
CA SER D 93 -31.01 -3.58 -16.55
C SER D 93 -30.49 -4.08 -15.20
N ALA D 94 -30.64 -5.36 -14.92
CA ALA D 94 -30.17 -5.88 -13.65
C ALA D 94 -28.67 -5.71 -13.57
N LEU D 95 -27.95 -6.08 -14.62
CA LEU D 95 -26.49 -6.01 -14.62
C LEU D 95 -26.02 -4.57 -14.64
N ALA D 96 -26.49 -3.77 -15.60
CA ALA D 96 -26.08 -2.36 -15.68
C ALA D 96 -26.29 -1.66 -14.34
N ILE D 97 -27.28 -2.12 -13.58
CA ILE D 97 -27.54 -1.58 -12.26
C ILE D 97 -26.55 -2.09 -11.23
N ASN D 98 -26.37 -3.41 -11.13
CA ASN D 98 -25.40 -3.97 -10.19
C ASN D 98 -24.03 -3.44 -10.59
N SER D 99 -23.80 -3.41 -11.90
CA SER D 99 -22.61 -2.83 -12.49
C SER D 99 -22.39 -1.41 -12.02
N SER D 100 -23.42 -0.57 -12.15
CA SER D 100 -23.32 0.85 -11.83
C SER D 100 -22.77 1.17 -10.43
N ALA D 101 -23.16 0.41 -9.41
CA ALA D 101 -22.72 0.71 -8.06
C ALA D 101 -21.22 0.46 -7.90
N TYR D 102 -20.76 -0.69 -8.37
CA TYR D 102 -19.35 -1.05 -8.25
C TYR D 102 -18.46 -0.15 -9.12
N VAL D 103 -19.01 0.38 -10.20
CA VAL D 103 -18.29 1.30 -11.07
C VAL D 103 -18.12 2.63 -10.37
N ALA D 104 -19.14 3.02 -9.60
CA ALA D 104 -19.17 4.28 -8.85
C ALA D 104 -18.18 4.29 -7.67
N GLU D 105 -17.85 3.09 -7.20
CA GLU D 105 -16.90 2.93 -6.10
C GLU D 105 -15.49 2.83 -6.63
N ILE D 106 -15.35 2.32 -7.84
CA ILE D 106 -14.05 2.21 -8.48
C ILE D 106 -13.55 3.61 -8.80
N ILE D 107 -14.45 4.44 -9.31
CA ILE D 107 -14.12 5.82 -9.64
C ILE D 107 -13.61 6.56 -8.39
N ARG D 108 -14.45 6.62 -7.36
CA ARG D 108 -14.10 7.23 -6.09
C ARG D 108 -12.78 6.70 -5.54
N ALA D 109 -12.54 5.41 -5.69
CA ALA D 109 -11.36 4.79 -5.12
C ALA D 109 -10.11 5.15 -5.90
N GLY D 110 -10.26 5.38 -7.20
CA GLY D 110 -9.13 5.69 -8.07
C GLY D 110 -8.70 7.13 -7.89
N ILE D 111 -9.62 7.94 -7.37
CA ILE D 111 -9.30 9.32 -7.06
C ILE D 111 -8.62 9.41 -5.72
N GLN D 112 -9.23 8.80 -4.72
CA GLN D 112 -8.62 8.81 -3.40
C GLN D 112 -7.24 8.15 -3.45
N ALA D 113 -7.00 7.38 -4.52
CA ALA D 113 -5.77 6.65 -4.70
C ALA D 113 -4.66 7.57 -5.11
N VAL D 114 -4.96 8.57 -5.94
CA VAL D 114 -3.88 9.47 -6.30
C VAL D 114 -3.44 10.23 -5.04
N ASP D 115 -2.11 10.32 -4.90
CA ASP D 115 -1.45 10.84 -3.72
C ASP D 115 -1.99 12.19 -3.31
N PRO D 116 -2.39 12.32 -2.04
CA PRO D 116 -2.88 13.61 -1.54
C PRO D 116 -1.86 14.73 -1.76
N GLY D 117 -0.61 14.35 -1.99
CA GLY D 117 0.44 15.31 -2.26
C GLY D 117 0.24 16.09 -3.54
N GLN D 118 -0.23 15.40 -4.56
CA GLN D 118 -0.49 16.02 -5.86
C GLN D 118 -1.49 17.15 -5.71
N ASN D 119 -2.54 16.91 -4.93
CA ASN D 119 -3.51 17.97 -4.71
C ASN D 119 -2.89 19.18 -4.00
N GLU D 120 -2.15 18.92 -2.92
CA GLU D 120 -1.52 19.98 -2.13
C GLU D 120 -0.59 20.81 -3.00
N ALA D 121 0.24 20.16 -3.79
CA ALA D 121 1.08 20.89 -4.73
C ALA D 121 0.23 21.85 -5.58
N ALA D 122 -0.88 21.34 -6.12
CA ALA D 122 -1.73 22.14 -7.01
C ALA D 122 -2.45 23.30 -6.29
N ARG D 123 -3.11 23.04 -5.17
CA ARG D 123 -3.77 24.11 -4.44
C ARG D 123 -2.78 25.17 -3.96
N SER D 124 -1.59 24.73 -3.57
CA SER D 124 -0.55 25.59 -2.99
C SER D 124 0.16 26.44 -4.05
N LEU D 125 -0.16 26.18 -5.30
CA LEU D 125 0.32 26.97 -6.43
C LEU D 125 -0.77 27.89 -6.93
N GLY D 126 -1.84 28.01 -6.15
CA GLY D 126 -2.96 28.85 -6.53
C GLY D 126 -4.12 28.19 -7.28
N MET D 127 -3.93 27.01 -7.86
CA MET D 127 -5.02 26.33 -8.60
C MET D 127 -6.20 25.99 -7.70
N THR D 128 -7.40 26.17 -8.22
CA THR D 128 -8.63 25.90 -7.49
C THR D 128 -9.03 24.42 -7.59
N HIS D 129 -9.91 23.96 -6.70
CA HIS D 129 -10.31 22.53 -6.70
C HIS D 129 -10.66 22.07 -8.10
N ALA D 130 -11.33 22.96 -8.83
CA ALA D 130 -11.69 22.67 -10.20
C ALA D 130 -10.48 22.34 -11.05
N MET D 131 -9.55 23.28 -11.12
CA MET D 131 -8.37 23.14 -11.97
C MET D 131 -7.49 21.98 -11.56
N ALA D 132 -7.31 21.85 -10.24
CA ALA D 132 -6.48 20.81 -9.65
C ALA D 132 -6.96 19.49 -10.14
N MET D 133 -8.29 19.37 -10.14
CA MET D 133 -8.98 18.14 -10.52
C MET D 133 -8.80 17.84 -12.00
N ARG D 134 -9.01 18.86 -12.83
CA ARG D 134 -8.94 18.68 -14.26
C ARG D 134 -7.54 18.38 -14.80
N TYR D 135 -6.55 19.16 -14.40
CA TYR D 135 -5.23 19.06 -15.00
C TYR D 135 -4.26 18.17 -14.25
N VAL D 136 -4.59 17.83 -13.00
CA VAL D 136 -3.62 17.10 -12.18
C VAL D 136 -4.14 15.77 -11.67
N ILE D 137 -5.19 15.82 -10.85
CA ILE D 137 -5.71 14.65 -10.16
C ILE D 137 -6.41 13.69 -11.14
N ILE D 138 -7.40 14.17 -11.87
CA ILE D 138 -8.20 13.28 -12.70
C ILE D 138 -7.35 12.50 -13.69
N PRO D 139 -6.50 13.20 -14.46
CA PRO D 139 -5.64 12.51 -15.42
C PRO D 139 -4.89 11.34 -14.80
N GLN D 140 -4.66 11.44 -13.49
CA GLN D 140 -3.95 10.43 -12.75
C GLN D 140 -4.89 9.36 -12.14
N ALA D 141 -6.11 9.76 -11.80
CA ALA D 141 -7.10 8.82 -11.24
C ALA D 141 -7.63 7.90 -12.34
N ILE D 142 -7.61 8.39 -13.57
CA ILE D 142 -8.00 7.60 -14.73
C ILE D 142 -7.17 6.33 -14.85
N LYS D 143 -5.86 6.47 -14.67
CA LYS D 143 -4.93 5.35 -14.74
C LYS D 143 -5.19 4.38 -13.59
N ASN D 144 -5.89 4.84 -12.57
CA ASN D 144 -6.31 3.98 -11.45
C ASN D 144 -7.58 3.19 -11.75
N ILE D 145 -8.47 3.80 -12.52
CA ILE D 145 -9.81 3.30 -12.68
C ILE D 145 -9.91 2.28 -13.80
N LEU D 146 -9.33 2.60 -14.96
CA LEU D 146 -9.40 1.71 -16.12
C LEU D 146 -9.05 0.25 -15.80
N PRO D 147 -7.99 0.02 -15.01
CA PRO D 147 -7.67 -1.36 -14.60
C PRO D 147 -8.79 -2.01 -13.79
N ALA D 148 -9.39 -1.28 -12.86
CA ALA D 148 -10.41 -1.86 -12.01
C ALA D 148 -11.71 -2.07 -12.78
N LEU D 149 -11.91 -1.26 -13.83
CA LEU D 149 -13.08 -1.39 -14.68
C LEU D 149 -12.98 -2.64 -15.52
N GLY D 150 -11.95 -2.71 -16.36
CA GLY D 150 -11.75 -3.87 -17.21
C GLY D 150 -11.85 -5.16 -16.43
N ASN D 151 -11.43 -5.07 -15.18
CA ASN D 151 -11.47 -6.20 -14.27
C ASN D 151 -12.90 -6.46 -13.82
N GLU D 152 -13.73 -5.45 -13.90
CA GLU D 152 -15.13 -5.56 -13.50
C GLU D 152 -15.92 -6.27 -14.61
N PHE D 153 -15.71 -5.80 -15.83
CA PHE D 153 -16.24 -6.45 -17.01
C PHE D 153 -15.92 -7.94 -16.96
N ILE D 154 -14.67 -8.28 -16.72
CA ILE D 154 -14.28 -9.68 -16.58
C ILE D 154 -15.14 -10.42 -15.55
N VAL D 155 -15.45 -9.75 -14.45
CA VAL D 155 -16.33 -10.33 -13.44
C VAL D 155 -17.79 -10.39 -13.93
N MET D 156 -18.22 -9.37 -14.68
CA MET D 156 -19.60 -9.30 -15.20
C MET D 156 -19.91 -10.48 -16.12
N LEU D 157 -18.88 -11.09 -16.70
CA LEU D 157 -19.07 -12.21 -17.59
C LEU D 157 -19.50 -13.44 -16.83
N LYS D 158 -18.80 -13.73 -15.75
CA LYS D 158 -19.22 -14.81 -14.89
C LYS D 158 -20.63 -14.49 -14.38
N GLU D 159 -20.81 -13.24 -13.97
CA GLU D 159 -22.10 -12.76 -13.47
C GLU D 159 -23.27 -13.12 -14.37
N SER D 160 -23.10 -12.81 -15.65
CA SER D 160 -24.18 -12.82 -16.60
C SER D 160 -24.80 -14.21 -16.81
N ALA D 161 -24.10 -15.24 -16.38
CA ALA D 161 -24.61 -16.60 -16.53
C ALA D 161 -25.87 -16.79 -15.70
N ILE D 162 -26.17 -15.84 -14.82
CA ILE D 162 -27.33 -16.03 -13.99
C ILE D 162 -28.61 -15.71 -14.73
N VAL D 163 -28.54 -14.85 -15.75
CA VAL D 163 -29.77 -14.51 -16.47
C VAL D 163 -30.26 -15.70 -17.28
N SER D 164 -29.46 -16.78 -17.28
CA SER D 164 -29.88 -18.01 -17.91
C SER D 164 -31.15 -18.47 -17.25
N VAL D 165 -31.23 -18.33 -15.92
CA VAL D 165 -32.39 -18.79 -15.15
C VAL D 165 -33.71 -18.09 -15.51
N ILE D 166 -33.61 -16.96 -16.19
CA ILE D 166 -34.78 -16.20 -16.63
C ILE D 166 -35.16 -16.68 -18.05
N GLY D 167 -34.44 -17.69 -18.52
CA GLY D 167 -34.66 -18.26 -19.86
C GLY D 167 -34.05 -17.44 -20.98
N PHE D 168 -32.91 -16.81 -20.74
CA PHE D 168 -32.18 -16.10 -21.80
C PHE D 168 -31.20 -17.03 -22.47
N ALA D 169 -31.10 -16.91 -23.80
CA ALA D 169 -30.34 -17.87 -24.59
C ALA D 169 -28.83 -17.65 -24.47
N ASP D 170 -28.34 -17.53 -23.24
CA ASP D 170 -26.93 -17.26 -23.00
C ASP D 170 -26.14 -18.57 -23.03
N LEU D 171 -24.85 -18.51 -22.74
CA LEU D 171 -24.00 -19.69 -22.80
C LEU D 171 -24.45 -20.76 -21.79
N THR D 172 -24.97 -20.34 -20.65
CA THR D 172 -25.36 -21.28 -19.62
C THR D 172 -26.66 -22.01 -19.99
N ARG D 173 -27.54 -21.31 -20.69
CA ARG D 173 -28.84 -21.87 -21.06
C ARG D 173 -28.70 -23.02 -22.08
N GLN D 174 -27.63 -22.99 -22.87
CA GLN D 174 -27.43 -23.98 -23.92
C GLN D 174 -27.36 -25.40 -23.37
N ALA D 175 -27.03 -25.55 -22.09
CA ALA D 175 -26.94 -26.89 -21.53
C ALA D 175 -28.32 -27.48 -21.38
N ASP D 176 -29.28 -26.64 -20.99
CA ASP D 176 -30.66 -27.09 -20.92
C ASP D 176 -31.11 -27.48 -22.31
N ILE D 177 -31.02 -26.51 -23.23
CA ILE D 177 -31.34 -26.75 -24.63
C ILE D 177 -30.72 -28.05 -25.15
N ILE D 178 -29.41 -28.24 -24.95
CA ILE D 178 -28.76 -29.45 -25.42
C ILE D 178 -29.31 -30.74 -24.79
N GLN D 179 -29.37 -30.78 -23.46
CA GLN D 179 -29.75 -32.01 -22.76
C GLN D 179 -31.17 -32.47 -23.12
N SER D 180 -32.01 -31.51 -23.49
CA SER D 180 -33.38 -31.81 -23.89
C SER D 180 -33.44 -32.80 -25.05
N VAL D 181 -32.34 -32.90 -25.79
CA VAL D 181 -32.25 -33.74 -26.98
C VAL D 181 -31.18 -34.83 -26.83
N THR D 182 -30.51 -34.84 -25.68
CA THR D 182 -29.38 -35.74 -25.45
C THR D 182 -29.44 -36.44 -24.10
N TYR D 183 -30.21 -35.84 -23.19
CA TYR D 183 -30.37 -36.35 -21.84
C TYR D 183 -29.05 -36.23 -21.07
N ARG D 184 -28.12 -35.48 -21.65
CA ARG D 184 -26.82 -35.22 -21.05
C ARG D 184 -26.70 -33.77 -20.51
N TYR D 185 -26.31 -33.67 -19.24
CA TYR D 185 -26.14 -32.38 -18.57
C TYR D 185 -24.65 -32.09 -18.36
N PHE D 186 -23.94 -33.09 -17.82
CA PHE D 186 -22.51 -33.05 -17.53
C PHE D 186 -21.65 -32.46 -18.66
N GLU D 187 -21.55 -33.20 -19.76
CA GLU D 187 -20.69 -32.80 -20.87
C GLU D 187 -20.98 -31.39 -21.39
N PRO D 188 -22.26 -31.02 -21.57
CA PRO D 188 -22.50 -29.64 -22.04
C PRO D 188 -22.08 -28.58 -21.00
N TYR D 189 -22.09 -28.92 -19.71
CA TYR D 189 -21.62 -27.96 -18.71
C TYR D 189 -20.10 -27.81 -18.75
N ILE D 190 -19.38 -28.92 -18.57
CA ILE D 190 -17.92 -28.92 -18.66
C ILE D 190 -17.48 -28.12 -19.88
N ILE D 191 -18.15 -28.29 -21.00
CA ILE D 191 -17.82 -27.49 -22.17
C ILE D 191 -18.08 -26.01 -21.89
N ILE D 192 -19.26 -25.69 -21.37
CA ILE D 192 -19.60 -24.30 -21.13
C ILE D 192 -18.67 -23.68 -20.08
N ALA D 193 -18.42 -24.41 -18.99
CA ALA D 193 -17.49 -23.92 -17.99
C ALA D 193 -16.13 -23.62 -18.66
N ALA D 194 -15.63 -24.60 -19.41
CA ALA D 194 -14.35 -24.44 -20.09
C ALA D 194 -14.40 -23.18 -20.97
N ILE D 195 -15.53 -22.93 -21.61
CA ILE D 195 -15.67 -21.71 -22.42
C ILE D 195 -15.59 -20.43 -21.57
N TYR D 196 -16.29 -20.41 -20.45
CA TYR D 196 -16.24 -19.28 -19.52
C TYR D 196 -14.81 -19.04 -19.07
N PHE D 197 -14.12 -20.14 -18.77
CA PHE D 197 -12.72 -20.12 -18.35
C PHE D 197 -11.86 -19.40 -19.39
N VAL D 198 -11.85 -19.92 -20.61
CA VAL D 198 -11.04 -19.34 -21.66
C VAL D 198 -11.37 -17.86 -21.87
N MET D 199 -12.64 -17.50 -21.76
CA MET D 199 -13.01 -16.09 -21.84
C MET D 199 -12.36 -15.29 -20.70
N THR D 200 -12.37 -15.85 -19.50
CA THR D 200 -11.73 -15.19 -18.36
C THR D 200 -10.24 -15.00 -18.59
N LEU D 201 -9.53 -16.07 -18.89
CA LEU D 201 -8.09 -16.02 -19.12
C LEU D 201 -7.76 -14.96 -20.14
N THR D 202 -8.40 -15.06 -21.30
CA THR D 202 -8.09 -14.16 -22.40
C THR D 202 -8.21 -12.70 -21.99
N PHE D 203 -9.37 -12.30 -21.49
CA PHE D 203 -9.57 -10.92 -21.05
C PHE D 203 -8.54 -10.54 -19.97
N SER D 204 -8.31 -11.45 -19.02
CA SER D 204 -7.32 -11.23 -17.98
C SER D 204 -5.94 -11.03 -18.57
N LYS D 205 -5.63 -11.76 -19.63
CA LYS D 205 -4.38 -11.57 -20.36
C LYS D 205 -4.36 -10.14 -20.88
N LEU D 206 -5.39 -9.77 -21.64
CA LEU D 206 -5.44 -8.43 -22.20
C LEU D 206 -5.61 -7.37 -21.14
N LEU D 207 -6.23 -7.72 -20.02
CA LEU D 207 -6.43 -6.73 -18.99
C LEU D 207 -5.09 -6.40 -18.33
N SER D 208 -4.32 -7.41 -17.96
CA SER D 208 -3.02 -7.17 -17.33
C SER D 208 -2.02 -6.60 -18.33
N LEU D 209 -2.10 -7.02 -19.59
CA LEU D 209 -1.16 -6.54 -20.60
C LEU D 209 -1.39 -5.05 -20.89
N PHE D 210 -2.65 -4.62 -20.84
CA PHE D 210 -3.03 -3.21 -21.00
C PHE D 210 -2.68 -2.43 -19.74
N GLU D 211 -2.59 -3.15 -18.63
CA GLU D 211 -2.24 -2.55 -17.36
C GLU D 211 -0.74 -2.23 -17.29
N ARG D 212 0.09 -3.18 -17.71
CA ARG D 212 1.55 -3.01 -17.71
C ARG D 212 2.00 -1.84 -18.57
N ARG D 213 1.10 -1.37 -19.44
CA ARG D 213 1.39 -0.24 -20.30
C ARG D 213 1.29 1.10 -19.57
N LEU D 214 0.45 1.15 -18.54
CA LEU D 214 0.25 2.38 -17.78
C LEU D 214 1.20 2.53 -16.57
#